data_4HM1
#
_entry.id   4HM1
#
_cell.length_a   139.935
_cell.length_b   139.935
_cell.length_c   208.238
_cell.angle_alpha   90.000
_cell.angle_beta   90.000
_cell.angle_gamma   120.000
#
_symmetry.space_group_name_H-M   'H 3 2'
#
loop_
_entity.id
_entity.type
_entity.pdbx_description
1 polymer 'Naphthalene 1,2-dioxygenase subunit alpha'
2 polymer 'Naphthalene 1,2-dioxygenase subunit beta'
3 non-polymer 1,2-ETHANEDIOL
4 non-polymer 'SULFATE ION'
5 non-polymer 'FE2/S2 (INORGANIC) CLUSTER'
6 non-polymer 'FE (III) ION'
7 non-polymer 2,3-dihydro-1H-inden-1-one
8 water water
#
loop_
_entity_poly.entity_id
_entity_poly.type
_entity_poly.pdbx_seq_one_letter_code
_entity_poly.pdbx_strand_id
1 'polypeptide(L)'
;MNYNNKILVSESGLSQKHLIHGDEELFQHELKTIFARNWLFLTHDSLIPAPGDYVTAKMGIDEVIVSRQNDGSIRAFLNV
CRHRGKTLVSVEAGNAKGFVCSYHGWGFGSNGELQSVPFEKDLYGESLNKKCLGLKEVARVESFHGFIYGCFDQEAPPLM
DYLGDAAWYLEPMFKHSGGLELVGPPGKVVIKANWKAPAENFVGDAYHVGWTHASSLRSGESIFSSLAGNAALPPEGAGL
QMTSKYGSGMGVLWDGYSGVHSADLVPELMAFGGAKQERLNKEIGDVRARIYRSHLNCTVFPNNSMLTCSGVFKVWNPID
ANTTEVWTYAIVEKDMPEDLKRRLADSVQRTFGPAGFWESDDNDNMETASQNGKKYQSRDSDLLSNLGFGEDVYGDAVYP
GVVGKSAIGETSYRGFYRAYQAHVSSSNWAEFEHASSTWHTELTKTTDR
;
A
2 'polypeptide(L)'
;MMINIQEDKLVSAHDAEEILRFFNCHDSALQQEATTLLTQEAHLLDIQAYRAWLEHCVGSEVQYQVISRELRAASERRYK
LNEAMNVYNENFQQLKVRVEHQLDPQNWGNSPKLRFTRFITNVQAAMDVNDKELLHIRSNVILHRARRGNQVDVFYAARE
DKWKRGEGGVRKLVQRFVDYPERILQTHNLMVFL
;
B
#
# COMPACT_ATOMS: atom_id res chain seq x y z
N MET A 1 28.50 -13.69 -9.30
CA MET A 1 28.70 -13.57 -7.86
C MET A 1 28.40 -14.90 -7.17
N ASN A 2 29.29 -15.35 -6.30
CA ASN A 2 29.08 -16.61 -5.57
C ASN A 2 28.33 -16.32 -4.27
N TYR A 3 27.04 -16.65 -4.23
CA TYR A 3 26.22 -16.28 -3.08
C TYR A 3 26.49 -17.13 -1.85
N ASN A 4 27.20 -18.25 -2.02
CA ASN A 4 27.65 -19.05 -0.88
C ASN A 4 28.71 -18.32 -0.06
N ASN A 5 29.57 -17.59 -0.75
CA ASN A 5 30.75 -16.99 -0.14
C ASN A 5 30.69 -15.49 0.05
N LYS A 6 30.00 -14.81 -0.86
CA LYS A 6 29.96 -13.34 -0.85
C LYS A 6 29.33 -12.80 0.41
N ILE A 7 30.08 -11.97 1.12
CA ILE A 7 29.55 -11.33 2.32
C ILE A 7 28.77 -10.08 1.89
N LEU A 8 27.47 -10.23 1.73
CA LEU A 8 26.60 -9.10 1.37
C LEU A 8 26.14 -8.36 2.62
N VAL A 9 26.04 -9.08 3.73
CA VAL A 9 25.68 -8.51 5.03
C VAL A 9 26.75 -8.93 6.02
N SER A 10 27.35 -7.96 6.71
CA SER A 10 28.44 -8.29 7.62
C SER A 10 27.91 -8.93 8.91
N GLU A 11 28.82 -9.50 9.68
CA GLU A 11 28.49 -10.12 10.96
C GLU A 11 27.61 -9.21 11.82
N SER A 12 26.59 -9.82 12.45
CA SER A 12 25.64 -9.13 13.32
C SER A 12 24.72 -8.17 12.57
N GLY A 13 24.74 -8.23 11.24
CA GLY A 13 23.88 -7.37 10.45
C GLY A 13 24.28 -5.89 10.48
N LEU A 14 25.55 -5.64 10.82
CA LEU A 14 26.01 -4.27 11.06
C LEU A 14 26.07 -3.40 9.82
N SER A 15 26.21 -4.03 8.65
CA SER A 15 26.27 -3.31 7.39
C SER A 15 25.87 -4.22 6.24
N GLN A 16 25.54 -3.60 5.11
CA GLN A 16 25.20 -4.32 3.89
C GLN A 16 25.87 -3.65 2.70
N LYS A 17 26.29 -4.44 1.73
CA LYS A 17 26.83 -3.87 0.49
C LYS A 17 25.72 -3.13 -0.25
N HIS A 18 26.02 -1.90 -0.66
CA HIS A 18 25.03 -1.04 -1.31
C HIS A 18 24.48 -1.71 -2.57
N LEU A 19 25.29 -2.58 -3.20
CA LEU A 19 24.84 -3.27 -4.42
C LEU A 19 23.56 -4.09 -4.22
N ILE A 20 23.25 -4.46 -2.97
CA ILE A 20 22.06 -5.27 -2.77
C ILE A 20 20.79 -4.55 -3.25
N HIS A 21 20.81 -3.23 -3.33
CA HIS A 21 19.63 -2.49 -3.78
C HIS A 21 19.60 -2.28 -5.29
N GLY A 22 20.67 -2.66 -5.98
CA GLY A 22 20.77 -2.39 -7.40
C GLY A 22 21.10 -3.56 -8.33
N ASP A 23 21.64 -4.64 -7.78
CA ASP A 23 22.19 -5.69 -8.62
C ASP A 23 21.10 -6.62 -9.17
N GLU A 24 20.95 -6.65 -10.49
CA GLU A 24 19.88 -7.42 -11.11
C GLU A 24 20.10 -8.93 -10.99
N GLU A 25 21.37 -9.36 -11.01
CA GLU A 25 21.65 -10.78 -10.82
C GLU A 25 21.24 -11.21 -9.41
N LEU A 26 21.53 -10.38 -8.42
CA LEU A 26 21.05 -10.66 -7.07
C LEU A 26 19.52 -10.65 -6.99
N PHE A 27 18.87 -9.72 -7.68
CA PHE A 27 17.42 -9.72 -7.71
C PHE A 27 16.90 -11.05 -8.23
N GLN A 28 17.48 -11.54 -9.34
CA GLN A 28 17.08 -12.85 -9.85
C GLN A 28 17.32 -13.95 -8.83
N HIS A 29 18.44 -13.88 -8.11
CA HIS A 29 18.74 -14.85 -7.06
C HIS A 29 17.74 -14.75 -5.91
N GLU A 30 17.25 -13.55 -5.63
CA GLU A 30 16.24 -13.36 -4.58
C GLU A 30 14.91 -14.01 -4.95
N LEU A 31 14.59 -14.06 -6.24
CA LEU A 31 13.35 -14.70 -6.66
C LEU A 31 13.35 -16.13 -6.15
N LYS A 32 14.51 -16.78 -6.26
CA LYS A 32 14.66 -18.15 -5.77
C LYS A 32 14.78 -18.27 -4.25
N THR A 33 15.69 -17.51 -3.66
CA THR A 33 16.07 -17.71 -2.25
C THR A 33 15.27 -16.89 -1.24
N ILE A 34 14.57 -15.86 -1.72
CA ILE A 34 13.72 -15.06 -0.86
C ILE A 34 12.25 -15.30 -1.18
N PHE A 35 11.84 -14.99 -2.41
CA PHE A 35 10.42 -15.01 -2.71
C PHE A 35 9.81 -16.39 -2.93
N ALA A 36 10.58 -17.34 -3.47
CA ALA A 36 10.04 -18.70 -3.68
C ALA A 36 10.14 -19.54 -2.40
N ARG A 37 10.80 -18.98 -1.39
CA ARG A 37 11.09 -19.74 -0.17
C ARG A 37 10.27 -19.31 1.04
N ASN A 38 9.89 -18.04 1.10
CA ASN A 38 9.33 -17.44 2.30
C ASN A 38 7.83 -17.17 2.19
N TRP A 39 7.22 -16.75 3.30
CA TRP A 39 5.78 -16.49 3.33
C TRP A 39 5.49 -15.10 2.81
N LEU A 40 4.53 -15.01 1.91
CA LEU A 40 4.19 -13.75 1.23
C LEU A 40 2.71 -13.43 1.43
N PHE A 41 2.40 -12.16 1.62
CA PHE A 41 1.02 -11.80 1.88
C PHE A 41 0.14 -11.90 0.63
N LEU A 42 -1.03 -12.52 0.79
CA LEU A 42 -1.97 -12.68 -0.32
C LEU A 42 -3.21 -11.79 -0.22
N THR A 43 -3.99 -12.00 0.83
CA THR A 43 -5.26 -11.30 0.97
C THR A 43 -5.76 -11.44 2.40
N HIS A 44 -6.98 -11.01 2.65
CA HIS A 44 -7.63 -11.17 3.94
C HIS A 44 -8.97 -11.87 3.74
N ASP A 45 -9.42 -12.61 4.76
CA ASP A 45 -10.75 -13.23 4.75
C ASP A 45 -11.82 -12.24 4.31
N SER A 46 -11.67 -10.99 4.75
CA SER A 46 -12.68 -9.96 4.51
C SER A 46 -12.80 -9.58 3.03
N LEU A 47 -11.79 -9.94 2.24
CA LEU A 47 -11.83 -9.64 0.80
C LEU A 47 -12.33 -10.82 -0.02
N ILE A 48 -12.24 -12.03 0.54
CA ILE A 48 -12.82 -13.20 -0.13
C ILE A 48 -13.65 -14.05 0.84
N PRO A 49 -14.72 -13.47 1.41
CA PRO A 49 -15.41 -14.16 2.51
C PRO A 49 -16.32 -15.32 2.08
N ALA A 50 -16.83 -15.30 0.85
CA ALA A 50 -17.83 -16.28 0.43
C ALA A 50 -17.25 -17.27 -0.59
N PRO A 51 -17.81 -18.51 -0.61
CA PRO A 51 -17.38 -19.50 -1.61
C PRO A 51 -17.41 -18.92 -3.02
N GLY A 52 -16.33 -19.13 -3.75
CA GLY A 52 -16.24 -18.61 -5.10
C GLY A 52 -15.56 -17.25 -5.20
N ASP A 53 -15.48 -16.53 -4.09
CA ASP A 53 -14.78 -15.25 -4.12
C ASP A 53 -13.32 -15.48 -4.42
N TYR A 54 -12.73 -14.62 -5.26
CA TYR A 54 -11.31 -14.73 -5.55
C TYR A 54 -10.67 -13.35 -5.69
N VAL A 55 -9.35 -13.31 -5.54
CA VAL A 55 -8.60 -12.13 -5.91
C VAL A 55 -7.35 -12.60 -6.63
N THR A 56 -6.70 -11.70 -7.36
CA THR A 56 -5.34 -11.97 -7.82
C THR A 56 -4.34 -11.28 -6.91
N ALA A 57 -3.16 -11.86 -6.80
CA ALA A 57 -2.11 -11.32 -5.95
C ALA A 57 -0.78 -11.62 -6.60
N LYS A 58 0.24 -10.83 -6.28
CA LYS A 58 1.59 -11.19 -6.68
C LYS A 58 2.26 -11.98 -5.56
N MET A 59 3.08 -12.94 -5.98
CA MET A 59 4.01 -13.63 -5.07
C MET A 59 5.37 -13.52 -5.76
N GLY A 60 6.20 -12.62 -5.28
CA GLY A 60 7.38 -12.22 -6.03
C GLY A 60 6.93 -11.61 -7.36
N ILE A 61 7.51 -12.08 -8.46
CA ILE A 61 7.08 -11.62 -9.80
C ILE A 61 5.97 -12.49 -10.39
N ASP A 62 5.63 -13.58 -9.71
CA ASP A 62 4.56 -14.45 -10.19
C ASP A 62 3.20 -13.89 -9.79
N GLU A 63 2.17 -14.22 -10.57
CA GLU A 63 0.82 -13.84 -10.18
C GLU A 63 0.01 -15.10 -9.85
N VAL A 64 -0.78 -15.00 -8.78
CA VAL A 64 -1.61 -16.14 -8.37
C VAL A 64 -3.09 -15.76 -8.27
N ILE A 65 -3.96 -16.76 -8.40
CA ILE A 65 -5.38 -16.61 -8.13
C ILE A 65 -5.62 -17.19 -6.73
N VAL A 66 -6.28 -16.44 -5.86
CA VAL A 66 -6.50 -16.86 -4.47
C VAL A 66 -8.00 -17.01 -4.28
N SER A 67 -8.46 -18.23 -4.03
CA SER A 67 -9.88 -18.54 -4.13
C SER A 67 -10.47 -19.22 -2.89
N ARG A 68 -11.62 -18.73 -2.46
CA ARG A 68 -12.35 -19.35 -1.36
C ARG A 68 -13.08 -20.60 -1.87
N GLN A 69 -12.72 -21.73 -1.29
CA GLN A 69 -13.29 -23.02 -1.65
C GLN A 69 -14.66 -23.23 -1.02
N ASN A 70 -15.41 -24.20 -1.54
CA ASN A 70 -16.73 -24.51 -0.98
C ASN A 70 -16.68 -24.97 0.46
N ASP A 71 -15.57 -25.56 0.87
CA ASP A 71 -15.44 -26.07 2.23
C ASP A 71 -14.98 -24.99 3.21
N GLY A 72 -14.78 -23.77 2.72
CA GLY A 72 -14.40 -22.66 3.57
C GLY A 72 -12.91 -22.41 3.62
N SER A 73 -12.12 -23.32 3.05
CA SER A 73 -10.68 -23.14 2.97
C SER A 73 -10.33 -22.21 1.82
N ILE A 74 -9.05 -21.85 1.71
CA ILE A 74 -8.55 -21.02 0.63
C ILE A 74 -7.42 -21.76 -0.07
N ARG A 75 -7.48 -21.81 -1.40
CA ARG A 75 -6.38 -22.36 -2.18
C ARG A 75 -5.90 -21.31 -3.17
N ALA A 76 -4.62 -21.36 -3.53
CA ALA A 76 -4.04 -20.39 -4.47
C ALA A 76 -3.31 -21.11 -5.58
N PHE A 77 -3.40 -20.55 -6.79
CA PHE A 77 -2.86 -21.20 -7.98
C PHE A 77 -2.19 -20.17 -8.88
N LEU A 78 -1.14 -20.60 -9.59
CA LEU A 78 -0.52 -19.74 -10.61
C LEU A 78 -1.58 -19.29 -11.60
N ASN A 79 -1.57 -18.01 -11.94
CA ASN A 79 -2.54 -17.45 -12.89
C ASN A 79 -2.07 -17.71 -14.33
N VAL A 80 -1.85 -19.00 -14.63
CA VAL A 80 -1.25 -19.40 -15.90
C VAL A 80 -1.93 -20.67 -16.40
N CYS A 81 -2.47 -20.62 -17.61
CA CYS A 81 -3.14 -21.77 -18.20
C CYS A 81 -2.17 -22.94 -18.44
N ARG A 82 -2.61 -24.16 -18.13
CA ARG A 82 -1.76 -25.35 -18.27
C ARG A 82 -1.59 -25.83 -19.72
N HIS A 83 -2.33 -25.23 -20.65
CA HIS A 83 -2.21 -25.59 -22.06
C HIS A 83 -1.01 -24.88 -22.67
N ARG A 84 -1.20 -23.62 -23.08
CA ARG A 84 -0.10 -22.88 -23.67
C ARG A 84 0.25 -21.58 -22.97
N GLY A 85 -0.08 -21.50 -21.68
CA GLY A 85 0.56 -20.55 -20.78
C GLY A 85 0.01 -19.14 -20.76
N LYS A 86 -1.20 -18.97 -21.27
CA LYS A 86 -1.86 -17.66 -21.26
C LYS A 86 -2.29 -17.27 -19.84
N THR A 87 -2.35 -15.98 -19.55
CA THR A 87 -2.83 -15.55 -18.24
C THR A 87 -4.33 -15.82 -18.11
N LEU A 88 -4.71 -16.57 -17.09
CA LEU A 88 -6.09 -17.04 -16.98
C LEU A 88 -7.06 -15.92 -16.60
N VAL A 89 -6.72 -15.19 -15.54
CA VAL A 89 -7.61 -14.19 -14.97
C VAL A 89 -7.05 -12.78 -15.16
N SER A 90 -7.86 -11.88 -15.73
CA SER A 90 -7.37 -10.54 -16.06
C SER A 90 -7.93 -9.45 -15.13
N VAL A 91 -8.77 -9.85 -14.17
CA VAL A 91 -9.34 -8.91 -13.22
C VAL A 91 -8.67 -9.08 -11.86
N GLU A 92 -9.00 -8.19 -10.92
CA GLU A 92 -8.32 -8.16 -9.62
C GLU A 92 -9.14 -8.89 -8.55
N ALA A 93 -10.45 -8.94 -8.73
CA ALA A 93 -11.33 -9.58 -7.76
C ALA A 93 -12.65 -9.97 -8.43
N GLY A 94 -13.32 -10.97 -7.87
CA GLY A 94 -14.64 -11.32 -8.33
C GLY A 94 -15.18 -12.54 -7.62
N ASN A 95 -16.24 -13.11 -8.18
CA ASN A 95 -16.78 -14.36 -7.69
C ASN A 95 -17.09 -15.28 -8.87
N ALA A 96 -16.57 -16.51 -8.82
CA ALA A 96 -16.78 -17.47 -9.91
C ALA A 96 -16.57 -18.88 -9.39
N LYS A 97 -17.14 -19.86 -10.08
CA LYS A 97 -16.92 -21.27 -9.76
C LYS A 97 -15.76 -21.83 -10.57
N GLY A 98 -15.25 -21.01 -11.47
CA GLY A 98 -14.18 -21.45 -12.35
C GLY A 98 -13.65 -20.34 -13.23
N PHE A 99 -12.60 -20.67 -13.97
CA PHE A 99 -11.90 -19.70 -14.79
C PHE A 99 -11.65 -20.32 -16.16
N VAL A 100 -12.15 -19.67 -17.21
CA VAL A 100 -12.01 -20.18 -18.57
C VAL A 100 -10.95 -19.38 -19.33
N CYS A 101 -10.02 -20.09 -19.95
CA CYS A 101 -8.97 -19.44 -20.71
C CYS A 101 -9.50 -18.87 -22.01
N SER A 102 -9.13 -17.63 -22.31
CA SER A 102 -9.63 -16.96 -23.50
C SER A 102 -8.89 -17.36 -24.78
N TYR A 103 -7.89 -18.21 -24.66
CA TYR A 103 -7.13 -18.65 -25.83
C TYR A 103 -7.85 -19.84 -26.48
N HIS A 104 -7.82 -21.02 -25.87
CA HIS A 104 -8.53 -22.16 -26.43
C HIS A 104 -9.69 -22.67 -25.57
N GLY A 105 -10.07 -21.91 -24.55
CA GLY A 105 -11.31 -22.19 -23.84
C GLY A 105 -11.26 -23.28 -22.78
N TRP A 106 -10.07 -23.68 -22.33
CA TRP A 106 -9.99 -24.65 -21.23
C TRP A 106 -10.59 -24.07 -19.97
N GLY A 107 -11.34 -24.88 -19.23
CA GLY A 107 -12.04 -24.42 -18.05
C GLY A 107 -11.53 -25.07 -16.79
N PHE A 108 -11.06 -24.25 -15.85
CA PHE A 108 -10.51 -24.71 -14.60
C PHE A 108 -11.48 -24.38 -13.47
N GLY A 109 -11.57 -25.26 -12.48
CA GLY A 109 -12.41 -24.97 -11.33
C GLY A 109 -11.77 -23.99 -10.36
N SER A 110 -12.56 -23.47 -9.43
CA SER A 110 -12.05 -22.68 -8.32
C SER A 110 -11.05 -23.49 -7.50
N ASN A 111 -11.13 -24.81 -7.62
CA ASN A 111 -10.19 -25.71 -6.94
C ASN A 111 -8.96 -26.04 -7.78
N GLY A 112 -8.79 -25.34 -8.90
CA GLY A 112 -7.62 -25.53 -9.75
C GLY A 112 -7.69 -26.69 -10.74
N GLU A 113 -8.70 -27.54 -10.61
CA GLU A 113 -8.79 -28.73 -11.46
C GLU A 113 -9.14 -28.34 -12.89
N LEU A 114 -8.55 -29.03 -13.87
CA LEU A 114 -8.99 -28.87 -15.25
C LEU A 114 -10.32 -29.61 -15.41
N GLN A 115 -11.40 -28.85 -15.50
CA GLN A 115 -12.74 -29.45 -15.49
C GLN A 115 -13.32 -29.66 -16.89
N SER A 116 -12.93 -28.82 -17.83
CA SER A 116 -13.48 -28.96 -19.17
C SER A 116 -12.51 -28.49 -20.23
N VAL A 117 -12.61 -29.13 -21.38
CA VAL A 117 -11.77 -28.83 -22.52
C VAL A 117 -12.73 -28.84 -23.70
N PRO A 118 -12.81 -27.74 -24.47
CA PRO A 118 -13.78 -27.69 -25.58
C PRO A 118 -13.60 -28.85 -26.55
N PHE A 119 -14.70 -29.52 -26.87
CA PHE A 119 -14.71 -30.64 -27.81
C PHE A 119 -13.73 -31.74 -27.44
N GLU A 120 -13.55 -31.98 -26.14
CA GLU A 120 -12.58 -32.96 -25.66
C GLU A 120 -12.73 -34.32 -26.33
N LYS A 121 -13.96 -34.81 -26.38
CA LYS A 121 -14.24 -36.13 -26.94
C LYS A 121 -13.80 -36.24 -28.40
N ASP A 122 -14.14 -35.23 -29.20
CA ASP A 122 -13.83 -35.27 -30.63
C ASP A 122 -12.36 -35.02 -30.93
N LEU A 123 -11.69 -34.27 -30.07
CA LEU A 123 -10.31 -33.85 -30.31
C LEU A 123 -9.29 -34.74 -29.60
N TYR A 124 -9.44 -34.87 -28.28
CA TYR A 124 -8.49 -35.66 -27.51
C TYR A 124 -8.93 -37.09 -27.30
N GLY A 125 -10.22 -37.37 -27.52
CA GLY A 125 -10.76 -38.67 -27.18
C GLY A 125 -10.63 -38.86 -25.68
N GLU A 126 -10.06 -39.99 -25.28
CA GLU A 126 -9.84 -40.26 -23.86
C GLU A 126 -8.37 -40.07 -23.50
N SER A 127 -7.61 -39.41 -24.37
CA SER A 127 -6.16 -39.35 -24.26
C SER A 127 -5.64 -38.23 -23.36
N LEU A 128 -6.47 -37.23 -23.09
CA LEU A 128 -6.03 -36.11 -22.26
C LEU A 128 -6.18 -36.44 -20.79
N ASN A 129 -5.08 -36.46 -20.05
CA ASN A 129 -5.19 -36.77 -18.63
C ASN A 129 -5.39 -35.51 -17.79
N LYS A 130 -6.64 -35.08 -17.68
CA LYS A 130 -6.98 -33.82 -17.04
C LYS A 130 -6.59 -33.78 -15.56
N LYS A 131 -6.56 -34.95 -14.93
CA LYS A 131 -6.13 -35.09 -13.54
C LYS A 131 -4.72 -34.56 -13.30
N CYS A 132 -3.89 -34.60 -14.34
CA CYS A 132 -2.51 -34.14 -14.24
C CYS A 132 -2.34 -32.72 -14.76
N LEU A 133 -3.45 -32.09 -15.12
CA LEU A 133 -3.41 -30.78 -15.77
C LEU A 133 -4.05 -29.67 -14.94
N GLY A 134 -4.10 -29.87 -13.63
CA GLY A 134 -4.60 -28.83 -12.74
C GLY A 134 -3.64 -27.65 -12.66
N LEU A 135 -4.16 -26.47 -12.34
CA LEU A 135 -3.30 -25.31 -12.20
C LEU A 135 -2.18 -25.54 -11.18
N LYS A 136 -1.02 -24.96 -11.44
CA LYS A 136 0.11 -25.12 -10.52
C LYS A 136 -0.24 -24.48 -9.19
N GLU A 137 -0.31 -25.28 -8.14
CA GLU A 137 -0.84 -24.82 -6.87
C GLU A 137 0.25 -24.32 -5.92
N VAL A 138 -0.05 -23.21 -5.24
CA VAL A 138 0.81 -22.71 -4.16
C VAL A 138 0.79 -23.75 -3.05
N ALA A 139 1.95 -24.30 -2.71
CA ALA A 139 2.03 -25.44 -1.79
C ALA A 139 1.47 -25.15 -0.40
N ARG A 140 1.67 -23.93 0.10
CA ARG A 140 1.32 -23.62 1.48
C ARG A 140 0.50 -22.35 1.53
N VAL A 141 -0.66 -22.42 2.19
CA VAL A 141 -1.52 -21.25 2.38
C VAL A 141 -2.04 -21.32 3.82
N GLU A 142 -1.71 -20.30 4.61
CA GLU A 142 -2.09 -20.30 6.03
C GLU A 142 -2.60 -18.93 6.44
N SER A 143 -3.28 -18.88 7.58
CA SER A 143 -3.92 -17.66 8.05
C SER A 143 -3.36 -17.23 9.39
N PHE A 144 -3.16 -15.93 9.55
CA PHE A 144 -2.87 -15.35 10.85
C PHE A 144 -4.01 -14.37 11.14
N HIS A 145 -5.01 -14.86 11.88
CA HIS A 145 -6.17 -14.05 12.26
C HIS A 145 -6.84 -13.35 11.09
N GLY A 146 -7.01 -14.10 10.01
CA GLY A 146 -7.72 -13.62 8.84
C GLY A 146 -6.78 -13.15 7.75
N PHE A 147 -5.53 -12.90 8.12
CA PHE A 147 -4.54 -12.45 7.13
C PHE A 147 -3.90 -13.67 6.49
N ILE A 148 -4.08 -13.77 5.17
CA ILE A 148 -3.76 -14.99 4.44
C ILE A 148 -2.41 -14.85 3.73
N TYR A 149 -1.50 -15.78 4.03
CA TYR A 149 -0.17 -15.79 3.43
C TYR A 149 0.04 -17.05 2.64
N GLY A 150 0.89 -16.97 1.62
CA GLY A 150 1.22 -18.13 0.82
C GLY A 150 2.72 -18.37 0.76
N CYS A 151 3.10 -19.62 0.51
CA CYS A 151 4.50 -19.95 0.34
C CYS A 151 4.64 -21.07 -0.69
N PHE A 152 5.52 -20.87 -1.68
CA PHE A 152 5.75 -21.88 -2.71
C PHE A 152 6.55 -23.10 -2.21
N ASP A 153 7.21 -22.95 -1.07
CA ASP A 153 8.11 -23.98 -0.56
C ASP A 153 7.42 -24.84 0.51
N GLN A 154 7.13 -26.09 0.16
CA GLN A 154 6.48 -27.03 1.09
C GLN A 154 7.26 -27.19 2.40
N GLU A 155 8.56 -26.92 2.35
CA GLU A 155 9.44 -27.14 3.49
C GLU A 155 9.46 -26.01 4.53
N ALA A 156 8.79 -24.90 4.23
CA ALA A 156 8.75 -23.75 5.12
C ALA A 156 8.20 -24.08 6.50
N PRO A 157 8.63 -23.33 7.54
CA PRO A 157 7.96 -23.46 8.83
C PRO A 157 6.51 -23.04 8.73
N PRO A 158 5.64 -23.53 9.63
CA PRO A 158 4.28 -22.98 9.69
C PRO A 158 4.35 -21.47 9.86
N LEU A 159 3.34 -20.76 9.34
CA LEU A 159 3.33 -19.30 9.40
C LEU A 159 3.54 -18.78 10.82
N MET A 160 2.88 -19.42 11.79
CA MET A 160 2.99 -18.96 13.17
C MET A 160 4.43 -19.03 13.67
N ASP A 161 5.11 -20.15 13.41
CA ASP A 161 6.51 -20.28 13.82
C ASP A 161 7.41 -19.29 13.08
N TYR A 162 7.08 -19.05 11.82
CA TYR A 162 7.83 -18.13 10.97
C TYR A 162 7.77 -16.70 11.50
N LEU A 163 6.63 -16.32 12.06
CA LEU A 163 6.49 -15.00 12.69
C LEU A 163 7.36 -14.91 13.93
N GLY A 164 7.69 -16.06 14.52
CA GLY A 164 8.56 -16.13 15.67
C GLY A 164 8.17 -15.17 16.77
N ASP A 165 9.15 -14.44 17.31
CA ASP A 165 8.88 -13.52 18.41
C ASP A 165 8.02 -12.33 18.05
N ALA A 166 7.88 -12.03 16.76
CA ALA A 166 7.03 -10.91 16.36
C ALA A 166 5.54 -11.18 16.63
N ALA A 167 5.15 -12.44 16.64
CA ALA A 167 3.73 -12.77 16.80
C ALA A 167 3.17 -12.22 18.11
N TRP A 168 3.97 -12.29 19.18
CA TRP A 168 3.57 -11.84 20.50
C TRP A 168 3.13 -10.38 20.48
N TYR A 169 3.86 -9.58 19.70
CA TYR A 169 3.57 -8.15 19.60
C TYR A 169 2.35 -7.87 18.75
N LEU A 170 2.12 -8.70 17.73
CA LEU A 170 0.98 -8.47 16.82
C LEU A 170 -0.35 -8.94 17.41
N GLU A 171 -0.29 -9.96 18.27
CA GLU A 171 -1.50 -10.59 18.77
C GLU A 171 -2.51 -9.67 19.47
N PRO A 172 -2.06 -8.73 20.32
CA PRO A 172 -3.08 -7.86 20.94
C PRO A 172 -4.00 -7.16 19.92
N MET A 173 -3.41 -6.60 18.87
CA MET A 173 -4.20 -5.94 17.82
C MET A 173 -4.83 -6.96 16.85
N PHE A 174 -4.10 -8.01 16.48
CA PHE A 174 -4.61 -8.96 15.47
C PHE A 174 -5.63 -9.96 16.00
N LYS A 175 -5.47 -10.33 17.26
CA LYS A 175 -6.31 -11.35 17.87
C LYS A 175 -7.19 -10.77 18.97
N HIS A 176 -6.57 -10.19 19.99
CA HIS A 176 -7.33 -9.82 21.18
C HIS A 176 -8.27 -8.63 21.03
N SER A 177 -8.11 -7.86 19.97
CA SER A 177 -8.98 -6.72 19.70
C SER A 177 -10.35 -7.18 19.19
N GLY A 178 -10.50 -8.47 18.96
CA GLY A 178 -11.72 -9.00 18.38
C GLY A 178 -11.54 -9.28 16.89
N GLY A 179 -10.42 -8.83 16.35
CA GLY A 179 -10.09 -9.10 14.97
C GLY A 179 -10.08 -7.87 14.07
N LEU A 180 -9.32 -7.97 12.99
CA LEU A 180 -9.16 -6.87 12.04
C LEU A 180 -9.81 -7.24 10.71
N GLU A 181 -10.15 -6.21 9.94
CA GLU A 181 -10.59 -6.38 8.57
C GLU A 181 -9.65 -5.58 7.68
N LEU A 182 -9.41 -6.09 6.47
CA LEU A 182 -8.64 -5.34 5.48
C LEU A 182 -9.66 -4.65 4.58
N VAL A 183 -9.53 -3.33 4.46
CA VAL A 183 -10.39 -2.56 3.59
C VAL A 183 -9.73 -2.41 2.24
N GLY A 184 -10.37 -2.97 1.21
CA GLY A 184 -9.89 -2.85 -0.16
C GLY A 184 -10.76 -1.88 -0.94
N PRO A 185 -10.47 -1.73 -2.25
CA PRO A 185 -9.31 -2.31 -2.94
C PRO A 185 -8.07 -1.52 -2.55
N PRO A 186 -6.88 -2.08 -2.80
CA PRO A 186 -5.67 -1.34 -2.41
C PRO A 186 -5.34 -0.24 -3.41
N GLY A 187 -4.64 0.80 -2.98
CA GLY A 187 -3.97 1.68 -3.93
C GLY A 187 -2.82 0.89 -4.56
N LYS A 188 -2.49 1.18 -5.83
CA LYS A 188 -1.35 0.53 -6.49
C LYS A 188 -0.50 1.57 -7.25
N VAL A 189 0.77 1.68 -6.87
CA VAL A 189 1.70 2.64 -7.49
C VAL A 189 3.06 2.00 -7.67
N VAL A 190 3.70 2.27 -8.81
CA VAL A 190 5.07 1.84 -9.03
C VAL A 190 6.05 2.91 -8.57
N ILE A 191 7.02 2.50 -7.77
CA ILE A 191 8.12 3.39 -7.40
C ILE A 191 9.44 2.83 -7.92
N LYS A 192 10.42 3.71 -8.14
CA LYS A 192 11.69 3.29 -8.69
C LYS A 192 12.70 2.99 -7.58
N ALA A 193 12.29 2.09 -6.68
CA ALA A 193 13.12 1.68 -5.56
C ALA A 193 13.16 0.17 -5.51
N ASN A 194 14.19 -0.36 -4.86
CA ASN A 194 14.28 -1.78 -4.55
C ASN A 194 13.28 -2.08 -3.45
N TRP A 195 12.67 -3.26 -3.48
CA TRP A 195 11.69 -3.64 -2.47
C TRP A 195 12.24 -3.58 -1.04
N LYS A 196 13.56 -3.77 -0.91
CA LYS A 196 14.17 -3.75 0.43
C LYS A 196 14.22 -2.36 1.04
N ALA A 197 14.18 -1.32 0.22
CA ALA A 197 14.24 0.04 0.76
C ALA A 197 13.01 0.39 1.62
N PRO A 198 11.78 0.19 1.10
CA PRO A 198 10.67 0.42 2.03
C PRO A 198 10.53 -0.69 3.08
N ALA A 199 10.93 -1.92 2.77
CA ALA A 199 10.85 -3.00 3.76
C ALA A 199 11.70 -2.69 4.99
N GLU A 200 12.93 -2.24 4.76
CA GLU A 200 13.82 -1.92 5.88
C GLU A 200 13.33 -0.69 6.64
N ASN A 201 12.73 0.24 5.93
CA ASN A 201 12.25 1.46 6.54
C ASN A 201 11.11 1.19 7.52
N PHE A 202 10.13 0.40 7.09
CA PHE A 202 9.02 0.03 7.97
C PHE A 202 9.41 -0.92 9.11
N VAL A 203 10.41 -1.77 8.89
CA VAL A 203 10.75 -2.77 9.91
C VAL A 203 11.41 -2.12 11.11
N GLY A 204 12.15 -1.03 10.90
CA GLY A 204 12.92 -0.52 12.01
C GLY A 204 13.43 0.90 11.97
N ASP A 205 12.84 1.75 11.13
CA ASP A 205 13.36 3.10 10.97
C ASP A 205 12.49 4.16 11.63
N ALA A 206 12.70 4.38 12.92
CA ALA A 206 12.05 5.51 13.59
C ALA A 206 12.91 6.77 13.47
N TYR A 207 14.21 6.57 13.24
CA TYR A 207 15.18 7.68 13.16
C TYR A 207 14.77 8.68 12.08
N HIS A 208 14.26 8.18 10.96
CA HIS A 208 13.95 9.07 9.82
C HIS A 208 12.73 9.96 10.03
N VAL A 209 11.86 9.59 10.97
CA VAL A 209 10.53 10.20 11.04
C VAL A 209 10.52 11.72 11.20
N GLY A 210 11.24 12.23 12.20
CA GLY A 210 11.24 13.67 12.45
C GLY A 210 11.79 14.49 11.30
N TRP A 211 12.77 13.94 10.58
CA TRP A 211 13.43 14.71 9.52
C TRP A 211 12.77 14.49 8.15
N THR A 212 12.66 13.23 7.73
CA THR A 212 11.98 12.89 6.48
C THR A 212 10.57 13.44 6.45
N HIS A 213 9.84 13.24 7.54
CA HIS A 213 8.43 13.59 7.59
C HIS A 213 8.16 14.92 8.29
N ALA A 214 9.19 15.77 8.37
CA ALA A 214 9.04 17.09 9.01
C ALA A 214 7.83 17.88 8.53
N SER A 215 7.63 17.94 7.22
CA SER A 215 6.53 18.71 6.66
C SER A 215 5.17 18.07 6.93
N SER A 216 5.10 16.74 6.91
CA SER A 216 3.84 16.03 7.16
C SER A 216 3.47 16.09 8.64
N LEU A 217 4.47 15.96 9.49
CA LEU A 217 4.28 16.14 10.93
C LEU A 217 3.78 17.54 11.26
N ARG A 218 4.41 18.55 10.68
CA ARG A 218 4.03 19.94 10.96
C ARG A 218 2.64 20.28 10.41
N SER A 219 2.30 19.71 9.26
CA SER A 219 1.07 20.09 8.54
C SER A 219 -0.16 19.30 8.97
N GLY A 220 0.03 18.04 9.31
CA GLY A 220 -1.09 17.16 9.64
C GLY A 220 -1.56 17.19 11.08
N GLU A 221 -0.71 17.62 12.01
CA GLU A 221 -1.06 17.70 13.44
C GLU A 221 -1.33 16.35 14.12
N SER A 222 -0.74 15.29 13.59
CA SER A 222 -0.89 13.96 14.17
C SER A 222 -0.27 13.90 15.57
N ILE A 223 -0.43 12.76 16.25
CA ILE A 223 0.03 12.61 17.64
C ILE A 223 1.56 12.53 17.80
N PHE A 224 2.25 12.12 16.74
CA PHE A 224 3.72 12.05 16.78
C PHE A 224 4.34 13.37 16.30
N SER A 225 3.56 14.44 16.30
CA SER A 225 3.95 15.69 15.64
C SER A 225 5.08 16.47 16.27
N SER A 226 5.42 16.16 17.52
CA SER A 226 6.48 16.89 18.21
C SER A 226 7.84 16.62 17.61
N LEU A 227 7.90 15.63 16.73
CA LEU A 227 9.15 15.22 16.16
C LEU A 227 9.56 16.10 14.99
N ALA A 228 8.64 16.94 14.50
CA ALA A 228 8.86 17.67 13.24
C ALA A 228 10.18 18.45 13.18
N GLY A 229 10.97 18.16 12.15
CA GLY A 229 12.26 18.81 11.97
C GLY A 229 13.26 18.50 13.06
N ASN A 230 13.13 17.33 13.68
CA ASN A 230 13.98 16.96 14.82
C ASN A 230 13.97 17.99 15.94
N ALA A 231 12.81 18.60 16.14
CA ALA A 231 12.63 19.60 17.17
C ALA A 231 12.68 18.95 18.55
N ALA A 232 12.34 17.67 18.62
CA ALA A 232 12.31 16.98 19.90
C ALA A 232 12.62 15.50 19.73
N LEU A 233 13.38 14.96 20.68
CA LEU A 233 13.61 13.53 20.75
C LEU A 233 12.57 12.93 21.68
N PRO A 234 11.96 11.81 21.28
CA PRO A 234 11.07 11.07 22.18
C PRO A 234 11.80 10.78 23.48
N PRO A 235 11.09 10.87 24.62
CA PRO A 235 11.66 10.61 25.95
C PRO A 235 12.18 9.19 26.08
N GLU A 236 12.99 8.91 27.10
CA GLU A 236 13.38 7.53 27.37
C GLU A 236 12.10 6.77 27.68
N GLY A 237 12.06 5.51 27.28
CA GLY A 237 10.91 4.67 27.57
C GLY A 237 9.74 4.93 26.63
N ALA A 238 9.97 5.73 25.59
CA ALA A 238 8.91 6.05 24.63
C ALA A 238 8.58 4.85 23.75
N GLY A 239 9.51 3.90 23.69
CA GLY A 239 9.25 2.71 22.90
C GLY A 239 10.38 1.73 22.87
N LEU A 240 10.28 0.74 21.98
CA LEU A 240 11.32 -0.26 21.83
C LEU A 240 11.35 -0.78 20.42
N GLN A 241 12.33 -1.63 20.16
CA GLN A 241 12.49 -2.26 18.84
C GLN A 241 12.66 -3.74 19.06
N MET A 242 12.17 -4.54 18.12
CA MET A 242 12.40 -5.97 18.22
C MET A 242 12.69 -6.61 16.87
N THR A 243 13.30 -7.78 16.92
CA THR A 243 13.50 -8.57 15.72
C THR A 243 13.49 -10.06 16.08
N SER A 244 13.51 -10.90 15.06
CA SER A 244 13.21 -12.31 15.24
C SER A 244 14.04 -13.17 14.30
N LYS A 245 13.97 -14.47 14.52
CA LYS A 245 14.81 -15.44 13.83
C LYS A 245 14.63 -15.43 12.31
N TYR A 246 13.38 -15.34 11.88
CA TYR A 246 13.07 -15.45 10.46
C TYR A 246 12.96 -14.08 9.80
N GLY A 247 13.38 -13.03 10.50
CA GLY A 247 13.60 -11.74 9.85
C GLY A 247 12.58 -10.67 10.14
N SER A 248 11.40 -11.07 10.59
CA SER A 248 10.35 -10.10 10.90
C SER A 248 10.75 -9.29 12.10
N GLY A 249 10.33 -8.03 12.13
CA GLY A 249 10.67 -7.14 13.23
C GLY A 249 9.75 -5.95 13.26
N MET A 250 9.84 -5.18 14.33
CA MET A 250 9.05 -3.97 14.41
C MET A 250 9.54 -3.00 15.46
N GLY A 251 9.12 -1.75 15.31
CA GLY A 251 9.26 -0.75 16.34
C GLY A 251 7.95 -0.64 17.08
N VAL A 252 8.04 -0.27 18.35
CA VAL A 252 6.87 -0.06 19.19
C VAL A 252 6.95 1.34 19.76
N LEU A 253 5.98 2.19 19.45
CA LEU A 253 5.90 3.51 20.06
CA LEU A 253 5.89 3.50 20.06
C LEU A 253 4.71 3.50 21.03
N TRP A 254 5.01 3.48 22.32
CA TRP A 254 3.99 3.34 23.35
C TRP A 254 2.84 4.34 23.19
N ASP A 255 1.62 3.80 23.24
CA ASP A 255 0.39 4.58 23.37
C ASP A 255 -0.06 5.33 22.13
N GLY A 256 0.72 5.28 21.05
CA GLY A 256 0.43 6.10 19.87
C GLY A 256 -0.71 5.61 18.98
N TYR A 257 -1.87 5.42 19.59
CA TYR A 257 -3.00 4.76 18.93
C TYR A 257 -3.61 5.54 17.76
N SER A 258 -3.49 6.87 17.77
CA SER A 258 -4.00 7.65 16.65
C SER A 258 -2.98 7.74 15.51
N GLY A 259 -1.75 7.30 15.77
CA GLY A 259 -0.74 7.20 14.73
C GLY A 259 -0.54 8.45 13.90
N VAL A 260 -0.55 8.28 12.58
CA VAL A 260 -0.27 9.39 11.68
C VAL A 260 -1.54 10.16 11.34
N HIS A 261 -2.67 9.72 11.88
CA HIS A 261 -3.94 10.36 11.54
C HIS A 261 -4.00 11.81 11.99
N SER A 262 -4.48 12.65 11.10
CA SER A 262 -4.52 14.08 11.36
C SER A 262 -5.44 14.35 12.54
N ALA A 263 -5.31 15.54 13.12
CA ALA A 263 -6.03 15.91 14.32
C ALA A 263 -7.54 15.64 14.25
N ASP A 264 -8.10 15.62 13.04
CA ASP A 264 -9.54 15.35 12.88
C ASP A 264 -10.03 13.97 13.37
N LEU A 265 -9.10 13.05 13.63
CA LEU A 265 -9.44 11.69 14.09
C LEU A 265 -8.86 11.35 15.46
N VAL A 266 -7.95 12.19 15.94
CA VAL A 266 -7.22 11.92 17.18
C VAL A 266 -8.11 11.67 18.42
N PRO A 267 -9.05 12.59 18.72
CA PRO A 267 -9.85 12.38 19.93
C PRO A 267 -10.68 11.09 19.88
N GLU A 268 -11.31 10.85 18.74
CA GLU A 268 -12.14 9.68 18.55
C GLU A 268 -11.34 8.39 18.70
N LEU A 269 -10.17 8.35 18.07
CA LEU A 269 -9.33 7.16 18.13
C LEU A 269 -8.80 6.95 19.54
N MET A 270 -8.27 8.01 20.16
CA MET A 270 -7.68 7.87 21.48
C MET A 270 -8.71 7.42 22.53
N ALA A 271 -9.97 7.82 22.35
CA ALA A 271 -11.04 7.31 23.20
C ALA A 271 -11.30 5.83 22.94
N PHE A 272 -11.40 5.45 21.68
CA PHE A 272 -11.75 4.08 21.31
C PHE A 272 -10.69 3.09 21.77
N GLY A 273 -9.43 3.37 21.45
CA GLY A 273 -8.33 2.51 21.83
C GLY A 273 -8.16 2.40 23.34
N GLY A 274 -8.32 3.53 24.02
CA GLY A 274 -8.23 3.53 25.48
C GLY A 274 -9.33 2.71 26.12
N ALA A 275 -10.54 2.82 25.58
CA ALA A 275 -11.66 2.05 26.12
C ALA A 275 -11.45 0.54 25.95
N LYS A 276 -10.93 0.12 24.79
CA LYS A 276 -10.70 -1.31 24.57
C LYS A 276 -9.53 -1.80 25.41
N GLN A 277 -8.51 -0.96 25.56
CA GLN A 277 -7.38 -1.28 26.44
C GLN A 277 -7.82 -1.58 27.88
N GLU A 278 -8.76 -0.80 28.38
CA GLU A 278 -9.23 -1.01 29.75
C GLU A 278 -9.89 -2.37 29.89
N ARG A 279 -10.60 -2.80 28.85
CA ARG A 279 -11.20 -4.13 28.84
C ARG A 279 -10.14 -5.21 28.74
N LEU A 280 -9.11 -4.97 27.92
CA LEU A 280 -8.08 -5.97 27.67
C LEU A 280 -7.12 -6.17 28.85
N ASN A 281 -7.00 -5.17 29.72
CA ASN A 281 -6.14 -5.32 30.91
C ASN A 281 -6.46 -6.59 31.66
N LYS A 282 -7.76 -6.87 31.78
CA LYS A 282 -8.26 -7.98 32.57
C LYS A 282 -8.07 -9.32 31.87
N GLU A 283 -7.91 -9.27 30.55
CA GLU A 283 -7.84 -10.48 29.75
C GLU A 283 -6.41 -10.91 29.44
N ILE A 284 -5.58 -9.95 29.03
CA ILE A 284 -4.23 -10.27 28.58
C ILE A 284 -3.14 -9.58 29.39
N GLY A 285 -3.54 -8.85 30.43
CA GLY A 285 -2.58 -8.14 31.26
C GLY A 285 -2.30 -6.73 30.78
N ASP A 286 -1.79 -5.90 31.69
CA ASP A 286 -1.57 -4.48 31.38
C ASP A 286 -0.60 -4.23 30.23
N VAL A 287 0.54 -4.95 30.24
CA VAL A 287 1.56 -4.71 29.21
C VAL A 287 1.01 -5.01 27.82
N ARG A 288 0.39 -6.17 27.65
CA ARG A 288 -0.09 -6.56 26.33
C ARG A 288 -1.29 -5.72 25.90
N ALA A 289 -2.13 -5.33 26.86
CA ALA A 289 -3.23 -4.41 26.55
C ALA A 289 -2.67 -3.06 26.09
N ARG A 290 -1.53 -2.67 26.64
CA ARG A 290 -0.90 -1.42 26.23
C ARG A 290 -0.31 -1.54 24.83
N ILE A 291 0.32 -2.68 24.55
CA ILE A 291 0.85 -2.96 23.22
C ILE A 291 -0.27 -2.88 22.16
N TYR A 292 -1.46 -3.38 22.50
CA TYR A 292 -2.59 -3.28 21.59
C TYR A 292 -2.77 -1.86 21.08
N ARG A 293 -2.73 -0.89 21.99
CA ARG A 293 -2.98 0.50 21.58
C ARG A 293 -1.69 1.30 21.38
N SER A 294 -0.61 0.58 21.09
CA SER A 294 0.66 1.20 20.74
C SER A 294 0.95 1.03 19.26
N HIS A 295 1.63 2.02 18.69
CA HIS A 295 1.89 2.09 17.26
C HIS A 295 3.02 1.12 16.91
N LEU A 296 2.73 0.13 16.07
CA LEU A 296 3.76 -0.84 15.65
C LEU A 296 4.12 -0.59 14.19
N ASN A 297 5.37 -0.29 13.92
CA ASN A 297 5.85 -0.28 12.53
C ASN A 297 6.57 -1.59 12.27
N CYS A 298 5.98 -2.44 11.44
CA CYS A 298 6.41 -3.83 11.33
C CYS A 298 6.62 -4.23 9.90
N THR A 299 7.66 -5.03 9.66
CA THR A 299 7.74 -5.79 8.42
C THR A 299 7.66 -7.27 8.74
N VAL A 300 6.69 -7.94 8.11
CA VAL A 300 6.66 -9.40 8.06
C VAL A 300 7.54 -9.81 6.88
N PHE A 301 8.69 -10.39 7.19
CA PHE A 301 9.68 -10.74 6.19
C PHE A 301 9.03 -11.58 5.09
N PRO A 302 9.37 -11.31 3.82
CA PRO A 302 10.31 -10.28 3.36
C PRO A 302 9.71 -8.91 3.05
N ASN A 303 8.49 -8.88 2.48
CA ASN A 303 8.03 -7.67 1.81
C ASN A 303 6.61 -7.24 2.13
N ASN A 304 6.13 -7.57 3.33
CA ASN A 304 4.83 -7.11 3.81
C ASN A 304 5.08 -6.21 5.01
N SER A 305 4.55 -4.99 4.99
CA SER A 305 4.76 -4.08 6.11
C SER A 305 3.43 -3.49 6.58
N MET A 306 3.45 -2.90 7.77
CA MET A 306 2.25 -2.31 8.32
C MET A 306 2.58 -1.30 9.40
N LEU A 307 1.64 -0.38 9.62
CA LEU A 307 1.66 0.47 10.79
C LEU A 307 0.34 0.20 11.51
N THR A 308 0.38 -0.53 12.63
CA THR A 308 -0.86 -0.75 13.36
C THR A 308 -1.29 0.58 13.97
N CYS A 309 -2.58 0.68 14.30
CA CYS A 309 -3.20 1.90 14.83
C CYS A 309 -3.35 2.98 13.75
N SER A 310 -2.28 3.30 13.05
CA SER A 310 -2.42 4.11 11.83
C SER A 310 -3.27 3.33 10.84
N GLY A 311 -3.10 2.01 10.82
CA GLY A 311 -3.90 1.15 9.97
C GLY A 311 -3.39 1.00 8.55
N VAL A 312 -2.11 1.30 8.35
CA VAL A 312 -1.49 1.22 7.02
C VAL A 312 -1.00 -0.22 6.78
N PHE A 313 -1.35 -0.79 5.63
CA PHE A 313 -0.93 -2.17 5.31
C PHE A 313 -0.34 -2.20 3.90
N LYS A 314 0.88 -2.70 3.78
CA LYS A 314 1.68 -2.56 2.56
C LYS A 314 2.22 -3.86 2.00
N VAL A 315 2.20 -4.01 0.68
CA VAL A 315 2.97 -5.06 0.03
C VAL A 315 3.94 -4.37 -0.92
N TRP A 316 5.23 -4.68 -0.79
CA TRP A 316 6.26 -4.15 -1.69
C TRP A 316 6.56 -5.21 -2.74
N ASN A 317 5.76 -5.22 -3.80
CA ASN A 317 5.89 -6.25 -4.83
C ASN A 317 7.07 -5.99 -5.76
N PRO A 318 8.00 -6.95 -5.82
CA PRO A 318 9.24 -6.75 -6.59
C PRO A 318 9.00 -6.82 -8.08
N ILE A 319 9.59 -5.91 -8.84
CA ILE A 319 9.52 -5.97 -10.30
C ILE A 319 10.93 -6.19 -10.88
N ASP A 320 11.87 -5.35 -10.47
CA ASP A 320 13.29 -5.56 -10.73
C ASP A 320 14.07 -4.83 -9.63
N ALA A 321 15.40 -4.80 -9.72
CA ALA A 321 16.18 -4.24 -8.62
C ALA A 321 15.88 -2.78 -8.30
N ASN A 322 15.38 -2.02 -9.27
CA ASN A 322 15.03 -0.62 -9.00
C ASN A 322 13.57 -0.33 -9.31
N THR A 323 12.71 -1.34 -9.22
CA THR A 323 11.28 -1.13 -9.48
C THR A 323 10.44 -1.97 -8.52
N THR A 324 9.48 -1.33 -7.85
CA THR A 324 8.61 -1.98 -6.88
C THR A 324 7.18 -1.48 -7.07
N GLU A 325 6.23 -2.39 -7.04
CA GLU A 325 4.82 -2.02 -7.15
C GLU A 325 4.21 -2.06 -5.75
N VAL A 326 3.83 -0.89 -5.25
CA VAL A 326 3.38 -0.71 -3.89
C VAL A 326 1.87 -0.85 -3.78
N TRP A 327 1.42 -1.85 -3.02
CA TRP A 327 0.01 -2.05 -2.74
C TRP A 327 -0.31 -1.53 -1.35
N THR A 328 -1.33 -0.68 -1.23
CA THR A 328 -1.66 -0.08 0.05
C THR A 328 -3.11 -0.33 0.44
N TYR A 329 -3.31 -1.09 1.53
CA TYR A 329 -4.63 -1.32 2.09
C TYR A 329 -4.78 -0.58 3.42
N ALA A 330 -6.01 -0.49 3.91
CA ALA A 330 -6.25 -0.05 5.28
C ALA A 330 -6.67 -1.20 6.17
N ILE A 331 -6.17 -1.21 7.41
CA ILE A 331 -6.67 -2.17 8.37
CA ILE A 331 -6.57 -2.14 8.46
C ILE A 331 -7.53 -1.44 9.40
N VAL A 332 -8.67 -2.06 9.73
CA VAL A 332 -9.57 -1.51 10.73
C VAL A 332 -9.98 -2.61 11.71
N GLU A 333 -10.32 -2.21 12.93
CA GLU A 333 -10.82 -3.15 13.91
C GLU A 333 -12.29 -3.44 13.63
N LYS A 334 -12.66 -4.73 13.61
CA LYS A 334 -14.01 -5.15 13.21
C LYS A 334 -15.12 -4.47 13.99
N ASP A 335 -14.88 -4.21 15.27
CA ASP A 335 -15.94 -3.71 16.13
C ASP A 335 -15.97 -2.19 16.23
N MET A 336 -15.17 -1.52 15.40
CA MET A 336 -15.30 -0.09 15.25
C MET A 336 -16.62 0.24 14.57
N PRO A 337 -17.22 1.40 14.91
CA PRO A 337 -18.41 1.84 14.18
C PRO A 337 -18.08 1.98 12.69
N GLU A 338 -19.03 1.66 11.83
CA GLU A 338 -18.79 1.66 10.39
C GLU A 338 -18.32 3.02 9.87
N ASP A 339 -18.89 4.09 10.39
CA ASP A 339 -18.50 5.43 9.94
C ASP A 339 -17.04 5.73 10.29
N LEU A 340 -16.59 5.22 11.44
CA LEU A 340 -15.20 5.38 11.83
C LEU A 340 -14.28 4.57 10.91
N LYS A 341 -14.70 3.35 10.57
CA LYS A 341 -13.91 2.52 9.66
C LYS A 341 -13.74 3.22 8.32
N ARG A 342 -14.81 3.82 7.83
CA ARG A 342 -14.75 4.52 6.55
C ARG A 342 -13.77 5.69 6.59
N ARG A 343 -13.86 6.50 7.63
CA ARG A 343 -12.96 7.65 7.75
C ARG A 343 -11.52 7.22 8.00
N LEU A 344 -11.34 6.14 8.76
CA LEU A 344 -10.00 5.62 9.00
C LEU A 344 -9.38 5.13 7.70
N ALA A 345 -10.15 4.40 6.90
CA ALA A 345 -9.69 3.93 5.60
C ALA A 345 -9.27 5.09 4.70
N ASP A 346 -10.11 6.14 4.61
CA ASP A 346 -9.75 7.29 3.79
C ASP A 346 -8.48 7.95 4.30
N SER A 347 -8.30 7.99 5.61
CA SER A 347 -7.15 8.64 6.21
C SER A 347 -5.84 7.85 5.97
N VAL A 348 -5.93 6.54 5.99
CA VAL A 348 -4.80 5.69 5.59
C VAL A 348 -4.36 6.05 4.17
N GLN A 349 -5.32 6.19 3.26
CA GLN A 349 -4.94 6.51 1.88
C GLN A 349 -4.48 7.96 1.74
N ARG A 350 -5.07 8.86 2.52
CA ARG A 350 -4.70 10.28 2.57
C ARG A 350 -3.23 10.47 2.96
N THR A 351 -2.78 9.65 3.91
CA THR A 351 -1.43 9.79 4.44
C THR A 351 -0.42 8.89 3.72
N PHE A 352 -0.81 7.65 3.43
CA PHE A 352 0.14 6.66 2.91
C PHE A 352 -0.27 5.99 1.58
N GLY A 353 -1.35 6.46 0.97
CA GLY A 353 -1.81 5.90 -0.29
C GLY A 353 -1.10 6.48 -1.49
N PRO A 354 -1.67 6.27 -2.69
CA PRO A 354 -1.06 6.77 -3.94
C PRO A 354 -0.77 8.27 -3.90
N ALA A 355 -1.65 9.04 -3.26
CA ALA A 355 -1.41 10.46 -3.03
C ALA A 355 -1.22 10.70 -1.54
N GLY A 356 -0.62 9.71 -0.87
CA GLY A 356 -0.34 9.87 0.55
C GLY A 356 0.76 10.90 0.77
N PHE A 357 0.45 11.98 1.48
CA PHE A 357 1.45 13.02 1.66
C PHE A 357 2.64 12.60 2.53
N TRP A 358 2.40 11.75 3.54
CA TRP A 358 3.51 11.14 4.28
C TRP A 358 4.35 10.25 3.37
N GLU A 359 3.71 9.34 2.65
CA GLU A 359 4.43 8.40 1.80
C GLU A 359 5.28 9.14 0.78
N SER A 360 4.79 10.30 0.32
CA SER A 360 5.53 11.06 -0.68
C SER A 360 6.85 11.56 -0.13
N ASP A 361 6.92 11.81 1.19
CA ASP A 361 8.16 12.26 1.81
C ASP A 361 9.26 11.22 1.65
N ASP A 362 8.89 9.95 1.52
CA ASP A 362 9.85 8.85 1.49
C ASP A 362 10.38 8.56 0.10
N ASN A 363 9.69 9.05 -0.94
CA ASN A 363 9.99 8.68 -2.33
C ASN A 363 11.46 8.84 -2.72
N ASP A 364 11.97 10.06 -2.60
CA ASP A 364 13.35 10.34 -3.03
C ASP A 364 14.35 9.55 -2.21
N ASN A 365 14.08 9.42 -0.91
CA ASN A 365 14.97 8.67 -0.03
C ASN A 365 15.12 7.24 -0.53
N MET A 366 14.01 6.59 -0.81
CA MET A 366 14.07 5.19 -1.20
C MET A 366 14.49 4.96 -2.64
N GLU A 367 14.06 5.84 -3.53
CA GLU A 367 14.46 5.72 -4.94
C GLU A 367 15.95 5.99 -5.14
N THR A 368 16.46 7.07 -4.55
CA THR A 368 17.88 7.37 -4.77
C THR A 368 18.78 6.39 -4.02
N ALA A 369 18.38 5.98 -2.83
CA ALA A 369 19.20 5.01 -2.11
C ALA A 369 19.29 3.71 -2.91
N SER A 370 18.20 3.34 -3.57
CA SER A 370 18.18 2.12 -4.39
C SER A 370 19.00 2.30 -5.65
N GLN A 371 18.79 3.41 -6.36
CA GLN A 371 19.45 3.62 -7.63
C GLN A 371 20.97 3.82 -7.47
N ASN A 372 21.38 4.38 -6.33
CA ASN A 372 22.80 4.54 -6.06
C ASN A 372 23.50 3.19 -5.95
N GLY A 373 22.75 2.14 -5.64
CA GLY A 373 23.32 0.80 -5.54
C GLY A 373 23.81 0.25 -6.87
N LYS A 374 23.42 0.89 -7.97
CA LYS A 374 23.89 0.53 -9.31
C LYS A 374 25.16 1.28 -9.69
N LYS A 375 25.42 2.40 -9.01
CA LYS A 375 26.53 3.27 -9.40
C LYS A 375 27.87 2.64 -9.05
N TYR A 376 28.81 2.74 -9.98
CA TYR A 376 30.07 2.00 -9.90
C TYR A 376 30.82 2.19 -8.57
N GLN A 377 30.97 3.44 -8.15
CA GLN A 377 31.75 3.72 -6.94
C GLN A 377 31.00 3.39 -5.65
N SER A 378 29.73 3.02 -5.76
CA SER A 378 28.93 2.75 -4.56
C SER A 378 28.60 1.28 -4.37
N ARG A 379 28.76 0.48 -5.43
CA ARG A 379 28.37 -0.94 -5.36
C ARG A 379 28.99 -1.66 -4.17
N ASP A 380 30.28 -1.42 -3.93
CA ASP A 380 31.04 -2.11 -2.88
C ASP A 380 31.10 -1.30 -1.59
N SER A 381 30.30 -0.24 -1.50
CA SER A 381 30.25 0.57 -0.29
C SER A 381 29.33 -0.06 0.74
N ASP A 382 29.47 0.37 1.99
CA ASP A 382 28.75 -0.24 3.11
C ASP A 382 27.64 0.66 3.64
N LEU A 383 26.41 0.16 3.53
CA LEU A 383 25.25 0.79 4.17
C LEU A 383 25.31 0.43 5.65
N LEU A 384 25.18 1.43 6.52
CA LEU A 384 25.36 1.22 7.95
C LEU A 384 24.06 0.97 8.70
N SER A 385 24.05 -0.05 9.55
CA SER A 385 22.93 -0.28 10.46
C SER A 385 23.41 -0.67 11.86
N ASN A 386 24.26 0.17 12.44
CA ASN A 386 24.93 -0.12 13.70
C ASN A 386 24.36 0.62 14.92
N LEU A 387 23.36 1.47 14.70
CA LEU A 387 22.77 2.24 15.80
C LEU A 387 22.16 1.31 16.85
N GLY A 388 22.65 1.41 18.08
CA GLY A 388 22.13 0.61 19.17
C GLY A 388 22.82 -0.72 19.35
N PHE A 389 23.74 -1.04 18.46
CA PHE A 389 24.47 -2.31 18.57
C PHE A 389 25.25 -2.39 19.87
N GLY A 390 25.14 -3.53 20.55
CA GLY A 390 25.81 -3.74 21.81
C GLY A 390 24.91 -3.45 22.99
N GLU A 391 23.68 -3.00 22.70
CA GLU A 391 22.70 -2.73 23.74
C GLU A 391 21.42 -3.56 23.60
N ASP A 392 21.37 -4.44 22.60
CA ASP A 392 20.22 -5.32 22.44
C ASP A 392 20.27 -6.48 23.42
N VAL A 393 19.10 -6.99 23.80
CA VAL A 393 19.01 -8.16 24.66
C VAL A 393 18.18 -9.26 23.99
N TYR A 394 18.31 -10.47 24.51
CA TYR A 394 17.43 -11.57 24.11
C TYR A 394 16.90 -12.25 25.37
N GLY A 395 15.68 -12.79 25.29
CA GLY A 395 15.12 -13.57 26.39
C GLY A 395 14.61 -12.76 27.56
N ASP A 396 14.25 -11.51 27.31
CA ASP A 396 13.78 -10.61 28.37
C ASP A 396 12.52 -11.19 29.04
N ALA A 397 12.37 -10.92 30.32
CA ALA A 397 11.24 -11.45 31.08
C ALA A 397 9.88 -10.93 30.60
N VAL A 398 9.87 -9.77 29.95
CA VAL A 398 8.63 -9.15 29.53
C VAL A 398 8.45 -9.09 28.01
N TYR A 399 9.49 -8.67 27.30
CA TYR A 399 9.43 -8.43 25.85
C TYR A 399 10.31 -9.43 25.11
N PRO A 400 9.70 -10.32 24.32
CA PRO A 400 10.43 -11.41 23.66
C PRO A 400 11.11 -10.99 22.35
N GLY A 401 12.10 -11.80 21.95
CA GLY A 401 12.87 -11.52 20.75
C GLY A 401 14.20 -10.87 21.05
N VAL A 402 14.90 -10.46 20.00
CA VAL A 402 16.06 -9.58 20.18
C VAL A 402 15.47 -8.19 20.28
N VAL A 403 15.72 -7.54 21.41
CA VAL A 403 15.01 -6.33 21.74
C VAL A 403 15.97 -5.20 22.09
N GLY A 404 15.74 -4.03 21.50
CA GLY A 404 16.44 -2.82 21.90
C GLY A 404 15.44 -1.98 22.68
N LYS A 405 15.73 -1.73 23.95
CA LYS A 405 14.80 -1.00 24.81
C LYS A 405 14.93 0.50 24.63
N SER A 406 14.76 0.94 23.40
CA SER A 406 14.77 2.36 23.05
C SER A 406 13.89 2.53 21.83
N ALA A 407 13.28 3.70 21.68
CA ALA A 407 12.35 3.94 20.58
C ALA A 407 13.05 4.03 19.23
N ILE A 408 14.26 4.58 19.22
CA ILE A 408 14.97 4.81 17.96
C ILE A 408 16.29 4.03 17.89
N GLY A 409 16.43 3.18 16.88
CA GLY A 409 17.67 2.46 16.69
C GLY A 409 17.61 1.60 15.44
N GLU A 410 18.57 0.71 15.29
CA GLU A 410 18.63 -0.11 14.08
C GLU A 410 18.60 -1.61 14.35
N THR A 411 18.12 -1.97 15.54
CA THR A 411 17.94 -3.37 15.95
C THR A 411 17.23 -4.20 14.88
N SER A 412 16.13 -3.65 14.34
CA SER A 412 15.30 -4.42 13.43
C SER A 412 15.91 -4.53 12.03
N TYR A 413 16.75 -3.56 11.66
CA TYR A 413 17.52 -3.67 10.43
C TYR A 413 18.45 -4.87 10.55
N ARG A 414 19.11 -4.98 11.70
CA ARG A 414 20.10 -6.04 11.87
C ARG A 414 19.49 -7.43 11.79
N GLY A 415 18.33 -7.62 12.40
CA GLY A 415 17.65 -8.91 12.33
C GLY A 415 17.11 -9.20 10.93
N PHE A 416 16.59 -8.17 10.27
CA PHE A 416 16.09 -8.31 8.91
C PHE A 416 17.22 -8.76 7.99
N TYR A 417 18.35 -8.07 8.04
CA TYR A 417 19.45 -8.41 7.14
C TYR A 417 20.21 -9.68 7.53
N ARG A 418 20.20 -10.05 8.80
CA ARG A 418 20.78 -11.34 9.20
C ARG A 418 20.00 -12.46 8.53
N ALA A 419 18.68 -12.39 8.58
CA ALA A 419 17.85 -13.43 7.96
C ALA A 419 18.01 -13.40 6.44
N TYR A 420 18.04 -12.21 5.86
CA TYR A 420 18.23 -12.04 4.42
C TYR A 420 19.52 -12.75 3.95
N GLN A 421 20.63 -12.48 4.63
CA GLN A 421 21.90 -13.08 4.25
C GLN A 421 21.89 -14.60 4.42
N ALA A 422 21.28 -15.08 5.51
CA ALA A 422 21.17 -16.51 5.71
C ALA A 422 20.38 -17.21 4.61
N HIS A 423 19.33 -16.56 4.12
CA HIS A 423 18.58 -17.11 2.99
C HIS A 423 19.36 -17.06 1.67
N VAL A 424 19.95 -15.91 1.36
CA VAL A 424 20.67 -15.72 0.10
C VAL A 424 21.82 -16.72 -0.07
N SER A 425 22.43 -17.11 1.04
CA SER A 425 23.58 -18.01 1.01
C SER A 425 23.19 -19.47 1.21
N SER A 426 21.89 -19.75 1.29
CA SER A 426 21.39 -21.11 1.53
C SER A 426 20.57 -21.64 0.35
N SER A 427 20.58 -22.96 0.18
CA SER A 427 19.88 -23.60 -0.93
C SER A 427 18.49 -24.10 -0.58
N ASN A 428 18.18 -24.10 0.72
CA ASN A 428 16.91 -24.61 1.20
C ASN A 428 16.71 -24.24 2.67
N TRP A 429 15.54 -24.58 3.21
CA TRP A 429 15.23 -24.27 4.60
C TRP A 429 16.19 -24.91 5.60
N ALA A 430 16.61 -26.15 5.33
CA ALA A 430 17.51 -26.83 6.25
C ALA A 430 18.82 -26.05 6.39
N GLU A 431 19.32 -25.55 5.26
CA GLU A 431 20.53 -24.74 5.29
C GLU A 431 20.31 -23.39 6.00
N PHE A 432 19.16 -22.77 5.77
CA PHE A 432 18.84 -21.56 6.53
C PHE A 432 18.86 -21.83 8.04
N GLU A 433 18.27 -22.94 8.46
CA GLU A 433 18.22 -23.27 9.89
C GLU A 433 19.64 -23.43 10.44
N HIS A 434 20.48 -24.15 9.71
CA HIS A 434 21.86 -24.36 10.13
C HIS A 434 22.58 -23.02 10.25
N ALA A 435 22.28 -22.11 9.33
CA ALA A 435 22.92 -20.80 9.29
C ALA A 435 22.35 -19.84 10.32
N SER A 436 21.33 -20.29 11.04
CA SER A 436 20.61 -19.43 11.98
C SER A 436 20.57 -19.97 13.40
N SER A 437 21.36 -21.00 13.68
CA SER A 437 21.28 -21.69 14.96
C SER A 437 21.82 -20.86 16.13
N THR A 438 22.55 -19.79 15.81
CA THR A 438 23.00 -18.85 16.82
C THR A 438 22.56 -17.44 16.47
N TRP A 439 21.35 -17.31 15.92
CA TRP A 439 20.87 -16.04 15.41
C TRP A 439 20.82 -14.92 16.47
N HIS A 440 20.33 -15.21 17.66
CA HIS A 440 20.19 -14.15 18.65
C HIS A 440 21.53 -13.76 19.27
N THR A 441 22.41 -14.74 19.46
CA THR A 441 23.77 -14.47 19.92
C THR A 441 24.53 -13.54 18.98
N GLU A 442 24.40 -13.78 17.67
CA GLU A 442 25.05 -12.92 16.70
C GLU A 442 24.53 -11.50 16.82
N LEU A 443 23.23 -11.36 17.06
CA LEU A 443 22.64 -10.03 17.10
C LEU A 443 22.94 -9.26 18.39
N THR A 444 23.24 -9.97 19.47
CA THR A 444 23.46 -9.29 20.77
C THR A 444 24.94 -9.14 21.18
N LYS A 445 25.86 -9.44 20.28
CA LYS A 445 27.31 -9.29 20.58
C LYS A 445 27.69 -7.92 21.12
N THR A 446 28.81 -7.88 21.84
CA THR A 446 29.38 -6.63 22.38
C THR A 446 28.42 -5.92 23.33
N ILE B 3 -29.15 7.99 -23.85
CA ILE B 3 -28.53 6.70 -24.12
C ILE B 3 -29.30 5.55 -23.48
N ASN B 4 -29.60 4.54 -24.29
CA ASN B 4 -30.18 3.29 -23.78
C ASN B 4 -29.03 2.36 -23.40
N ILE B 5 -28.79 2.17 -22.11
CA ILE B 5 -27.65 1.37 -21.66
C ILE B 5 -27.89 -0.14 -21.77
N GLN B 6 -29.13 -0.54 -22.07
CA GLN B 6 -29.39 -1.94 -22.37
C GLN B 6 -28.88 -2.25 -23.77
N GLU B 7 -28.94 -1.26 -24.65
CA GLU B 7 -28.44 -1.42 -26.02
C GLU B 7 -26.94 -1.10 -26.09
N ASP B 8 -26.54 0.05 -25.55
CA ASP B 8 -25.14 0.45 -25.51
C ASP B 8 -24.51 -0.25 -24.29
N LYS B 9 -24.17 -1.53 -24.46
CA LYS B 9 -23.84 -2.41 -23.34
C LYS B 9 -22.64 -1.98 -22.51
N LEU B 10 -21.76 -1.17 -23.08
CA LEU B 10 -20.53 -0.78 -22.38
C LEU B 10 -20.68 0.48 -21.53
N VAL B 11 -21.86 1.10 -21.58
CA VAL B 11 -22.05 2.39 -20.91
C VAL B 11 -22.61 2.22 -19.50
N SER B 12 -22.00 2.88 -18.53
CA SER B 12 -22.49 2.81 -17.15
C SER B 12 -23.66 3.77 -16.96
N ALA B 13 -24.53 3.47 -16.00
CA ALA B 13 -25.66 4.35 -15.70
C ALA B 13 -25.18 5.77 -15.38
N HIS B 14 -24.10 5.87 -14.60
CA HIS B 14 -23.58 7.18 -14.23
C HIS B 14 -23.15 7.99 -15.45
N ASP B 15 -22.40 7.35 -16.34
CA ASP B 15 -21.93 8.05 -17.54
C ASP B 15 -23.09 8.49 -18.44
N ALA B 16 -24.12 7.66 -18.55
CA ALA B 16 -25.29 8.02 -19.34
C ALA B 16 -26.02 9.23 -18.74
N GLU B 17 -26.05 9.30 -17.41
CA GLU B 17 -26.72 10.40 -16.74
C GLU B 17 -25.98 11.71 -17.00
N GLU B 18 -24.66 11.63 -17.03
CA GLU B 18 -23.83 12.82 -17.19
C GLU B 18 -23.90 13.37 -18.62
N ILE B 19 -23.98 12.49 -19.60
CA ILE B 19 -24.16 12.89 -21.01
C ILE B 19 -25.44 13.73 -21.16
N LEU B 20 -26.53 13.24 -20.56
CA LEU B 20 -27.84 13.84 -20.70
C LEU B 20 -27.84 15.31 -20.27
N ARG B 21 -27.03 15.62 -19.27
CA ARG B 21 -27.08 16.96 -18.69
C ARG B 21 -26.48 18.02 -19.63
N PHE B 22 -25.63 17.60 -20.56
CA PHE B 22 -24.98 18.54 -21.48
C PHE B 22 -25.62 18.59 -22.85
N PHE B 23 -26.34 17.52 -23.21
CA PHE B 23 -27.00 17.48 -24.50
C PHE B 23 -28.30 18.29 -24.49
N ASN B 24 -28.69 18.76 -23.31
CA ASN B 24 -29.89 19.58 -23.17
C ASN B 24 -29.66 21.06 -23.48
N CYS B 25 -29.90 21.94 -22.51
CA CYS B 25 -29.73 23.36 -22.78
C CYS B 25 -28.27 23.72 -23.02
N HIS B 26 -27.89 23.86 -24.28
CA HIS B 26 -26.55 24.35 -24.56
C HIS B 26 -26.53 25.87 -24.46
N ASP B 27 -25.72 26.40 -23.56
CA ASP B 27 -25.51 27.83 -23.55
C ASP B 27 -24.06 28.15 -23.85
N SER B 28 -23.83 28.79 -24.98
CA SER B 28 -22.48 29.10 -25.44
C SER B 28 -21.73 29.99 -24.44
N ALA B 29 -22.43 30.96 -23.88
CA ALA B 29 -21.82 31.89 -22.92
C ALA B 29 -21.31 31.17 -21.67
N LEU B 30 -22.07 30.18 -21.23
CA LEU B 30 -21.69 29.39 -20.06
C LEU B 30 -20.45 28.55 -20.34
N GLN B 31 -20.34 28.03 -21.55
CA GLN B 31 -19.18 27.24 -21.94
C GLN B 31 -17.93 28.12 -21.85
N GLN B 32 -18.07 29.37 -22.28
CA GLN B 32 -16.97 30.32 -22.25
C GLN B 32 -16.58 30.71 -20.82
N GLU B 33 -17.57 31.00 -19.98
CA GLU B 33 -17.31 31.28 -18.57
C GLU B 33 -16.58 30.10 -17.94
N ALA B 34 -17.06 28.89 -18.21
CA ALA B 34 -16.44 27.69 -17.66
C ALA B 34 -14.98 27.57 -18.12
N THR B 35 -14.75 27.88 -19.39
CA THR B 35 -13.38 27.76 -19.93
C THR B 35 -12.44 28.73 -19.20
N THR B 36 -12.90 29.96 -18.99
CA THR B 36 -12.10 30.96 -18.29
C THR B 36 -11.82 30.51 -16.86
N LEU B 37 -12.86 30.04 -16.17
CA LEU B 37 -12.76 29.58 -14.78
C LEU B 37 -11.68 28.49 -14.66
N LEU B 38 -11.74 27.52 -15.54
CA LEU B 38 -10.82 26.38 -15.49
C LEU B 38 -9.41 26.75 -15.94
N THR B 39 -9.30 27.66 -16.90
CA THR B 39 -7.99 28.11 -17.36
C THR B 39 -7.28 28.90 -16.27
N GLN B 40 -8.02 29.78 -15.59
CA GLN B 40 -7.44 30.53 -14.48
C GLN B 40 -7.08 29.63 -13.30
N GLU B 41 -7.93 28.64 -13.00
CA GLU B 41 -7.62 27.66 -11.96
C GLU B 41 -6.31 26.92 -12.29
N ALA B 42 -6.19 26.46 -13.54
CA ALA B 42 -5.01 25.72 -13.96
C ALA B 42 -3.75 26.58 -13.91
N HIS B 43 -3.88 27.86 -14.20
CA HIS B 43 -2.76 28.78 -14.17
C HIS B 43 -2.25 28.94 -12.72
N LEU B 44 -3.16 29.16 -11.78
CA LEU B 44 -2.78 29.27 -10.37
C LEU B 44 -2.09 28.00 -9.89
N LEU B 45 -2.63 26.85 -10.25
CA LEU B 45 -1.99 25.59 -9.86
C LEU B 45 -0.62 25.42 -10.52
N ASP B 46 -0.52 25.77 -11.80
CA ASP B 46 0.75 25.58 -12.51
C ASP B 46 1.90 26.38 -11.93
N ILE B 47 1.59 27.58 -11.41
CA ILE B 47 2.63 28.41 -10.82
C ILE B 47 2.76 28.13 -9.32
N GLN B 48 2.05 27.10 -8.87
CA GLN B 48 2.10 26.63 -7.48
C GLN B 48 1.64 27.68 -6.47
N ALA B 49 0.67 28.49 -6.91
CA ALA B 49 0.00 29.45 -6.04
C ALA B 49 -1.13 28.73 -5.31
N TYR B 50 -0.76 27.77 -4.47
CA TYR B 50 -1.76 26.93 -3.83
C TYR B 50 -2.68 27.67 -2.87
N ARG B 51 -2.16 28.69 -2.17
CA ARG B 51 -3.04 29.47 -1.29
C ARG B 51 -4.03 30.27 -2.10
N ALA B 52 -3.54 30.88 -3.19
CA ALA B 52 -4.42 31.63 -4.07
C ALA B 52 -5.48 30.72 -4.69
N TRP B 53 -5.09 29.49 -5.01
CA TRP B 53 -6.04 28.51 -5.54
C TRP B 53 -7.16 28.25 -4.53
N LEU B 54 -6.78 27.95 -3.28
CA LEU B 54 -7.78 27.78 -2.22
C LEU B 54 -8.68 29.01 -2.08
N GLU B 55 -8.08 30.18 -2.03
CA GLU B 55 -8.83 31.40 -1.77
C GLU B 55 -9.77 31.78 -2.92
N HIS B 56 -9.33 31.55 -4.14
CA HIS B 56 -10.06 32.04 -5.30
C HIS B 56 -10.89 30.97 -6.00
N CYS B 57 -10.50 29.71 -5.86
CA CYS B 57 -11.10 28.65 -6.66
C CYS B 57 -11.90 27.60 -5.90
N VAL B 58 -11.69 27.52 -4.58
CA VAL B 58 -12.21 26.38 -3.82
C VAL B 58 -13.23 26.79 -2.76
N GLY B 59 -14.43 26.22 -2.86
CA GLY B 59 -15.51 26.55 -1.94
C GLY B 59 -15.34 25.91 -0.58
N SER B 60 -15.87 26.55 0.46
CA SER B 60 -15.69 26.05 1.81
C SER B 60 -16.32 24.66 1.99
N GLU B 61 -17.35 24.35 1.21
CA GLU B 61 -18.04 23.06 1.33
C GLU B 61 -17.55 22.02 0.32
N VAL B 62 -16.36 22.23 -0.23
CA VAL B 62 -15.85 21.36 -1.29
C VAL B 62 -15.70 19.90 -0.88
N GLN B 63 -16.01 19.00 -1.82
CA GLN B 63 -15.53 17.62 -1.77
C GLN B 63 -14.63 17.44 -2.99
N TYR B 64 -13.36 17.11 -2.74
CA TYR B 64 -12.38 16.96 -3.80
C TYR B 64 -11.97 15.51 -3.81
N GLN B 65 -12.42 14.77 -4.82
CA GLN B 65 -12.34 13.31 -4.79
C GLN B 65 -11.78 12.73 -6.07
N VAL B 66 -10.79 11.85 -5.89
CA VAL B 66 -10.20 11.09 -6.98
C VAL B 66 -10.23 9.63 -6.54
N ILE B 67 -10.91 8.78 -7.31
CA ILE B 67 -10.99 7.37 -6.95
C ILE B 67 -10.15 6.46 -7.85
N SER B 68 -9.83 5.29 -7.32
CA SER B 68 -9.23 4.23 -8.11
C SER B 68 -10.11 3.01 -7.98
N ARG B 69 -10.65 2.56 -9.11
CA ARG B 69 -11.62 1.48 -9.16
C ARG B 69 -10.94 0.15 -9.39
N GLU B 70 -11.25 -0.85 -8.57
CA GLU B 70 -10.69 -2.19 -8.74
C GLU B 70 -11.17 -2.78 -10.06
N LEU B 71 -10.30 -3.50 -10.75
CA LEU B 71 -10.66 -4.14 -12.02
C LEU B 71 -11.52 -5.36 -11.74
N ARG B 72 -12.72 -5.37 -12.32
CA ARG B 72 -13.67 -6.46 -12.11
C ARG B 72 -14.14 -6.95 -13.47
N ALA B 73 -14.68 -8.16 -13.53
CA ALA B 73 -15.16 -8.72 -14.78
C ALA B 73 -16.34 -7.92 -15.29
N ALA B 74 -16.43 -7.74 -16.61
CA ALA B 74 -17.55 -7.01 -17.18
C ALA B 74 -18.86 -7.72 -16.87
N SER B 75 -18.78 -9.03 -16.67
CA SER B 75 -19.96 -9.85 -16.41
C SER B 75 -20.25 -10.03 -14.92
N GLU B 76 -19.41 -9.45 -14.07
CA GLU B 76 -19.53 -9.63 -12.62
C GLU B 76 -20.83 -9.08 -12.05
N ARG B 77 -21.49 -9.90 -11.23
CA ARG B 77 -22.80 -9.56 -10.67
C ARG B 77 -22.99 -10.03 -9.23
N ARG B 78 -21.99 -10.75 -8.70
CA ARG B 78 -22.12 -11.33 -7.37
C ARG B 78 -21.20 -10.70 -6.33
N TYR B 79 -19.95 -10.47 -6.71
CA TYR B 79 -18.96 -9.91 -5.80
C TYR B 79 -19.30 -8.46 -5.53
N LYS B 80 -19.70 -8.18 -4.28
CA LYS B 80 -20.22 -6.87 -3.91
C LYS B 80 -19.50 -6.29 -2.70
N LEU B 81 -18.19 -6.09 -2.84
CA LEU B 81 -17.40 -5.41 -1.83
C LEU B 81 -16.90 -4.11 -2.43
N ASN B 82 -16.42 -3.21 -1.57
CA ASN B 82 -15.94 -1.87 -1.96
C ASN B 82 -15.33 -1.86 -3.35
N GLU B 83 -15.95 -1.14 -4.26
CA GLU B 83 -15.52 -1.10 -5.66
C GLU B 83 -14.32 -0.21 -5.88
N ALA B 84 -14.14 0.79 -5.02
CA ALA B 84 -13.09 1.77 -5.24
C ALA B 84 -12.46 2.21 -3.94
N MET B 85 -11.25 2.75 -4.03
CA MET B 85 -10.67 3.46 -2.90
C MET B 85 -10.51 4.94 -3.24
N ASN B 86 -10.30 5.76 -2.22
CA ASN B 86 -10.13 7.20 -2.43
C ASN B 86 -8.66 7.60 -2.41
N VAL B 87 -8.13 7.96 -3.58
CA VAL B 87 -6.80 8.54 -3.68
C VAL B 87 -6.85 9.92 -3.02
N TYR B 88 -7.91 10.67 -3.33
CA TYR B 88 -8.28 11.89 -2.62
C TYR B 88 -9.74 11.79 -2.22
N ASN B 89 -10.08 12.31 -1.05
CA ASN B 89 -11.48 12.56 -0.69
C ASN B 89 -11.49 13.64 0.37
N GLU B 90 -11.25 14.86 -0.08
CA GLU B 90 -10.88 15.95 0.82
C GLU B 90 -11.96 16.99 0.98
N ASN B 91 -12.17 17.41 2.23
CA ASN B 91 -12.89 18.64 2.50
C ASN B 91 -11.92 19.83 2.45
N PHE B 92 -12.40 21.04 2.72
CA PHE B 92 -11.55 22.23 2.63
C PHE B 92 -10.36 22.16 3.57
N GLN B 93 -10.58 21.75 4.82
CA GLN B 93 -9.47 21.69 5.78
C GLN B 93 -8.42 20.67 5.37
N GLN B 94 -8.86 19.57 4.77
CA GLN B 94 -7.92 18.56 4.31
C GLN B 94 -7.12 19.04 3.11
N LEU B 95 -7.75 19.79 2.21
CA LEU B 95 -7.01 20.45 1.14
C LEU B 95 -6.01 21.44 1.73
N LYS B 96 -6.41 22.18 2.76
CA LYS B 96 -5.50 23.13 3.38
C LYS B 96 -4.26 22.46 3.98
N VAL B 97 -4.45 21.30 4.62
CA VAL B 97 -3.32 20.52 5.13
C VAL B 97 -2.36 20.17 4.00
N ARG B 98 -2.90 19.74 2.87
CA ARG B 98 -2.07 19.38 1.72
C ARG B 98 -1.34 20.60 1.17
N VAL B 99 -2.00 21.76 1.20
CA VAL B 99 -1.37 22.99 0.72
C VAL B 99 -0.23 23.42 1.65
N GLU B 100 -0.45 23.34 2.96
CA GLU B 100 0.61 23.65 3.92
C GLU B 100 1.79 22.70 3.77
N HIS B 101 1.50 21.43 3.51
CA HIS B 101 2.55 20.45 3.28
C HIS B 101 3.39 20.85 2.04
N GLN B 102 2.73 21.31 0.98
CA GLN B 102 3.45 21.79 -0.21
C GLN B 102 4.34 23.00 0.09
N LEU B 103 3.85 23.91 0.94
CA LEU B 103 4.55 25.17 1.17
C LEU B 103 5.59 25.12 2.27
N ASP B 104 5.64 24.01 3.01
CA ASP B 104 6.53 23.90 4.16
C ASP B 104 7.97 23.93 3.68
N PRO B 105 8.82 24.75 4.33
CA PRO B 105 10.21 24.84 3.87
C PRO B 105 11.04 23.59 4.15
N GLN B 106 10.48 22.64 4.89
CA GLN B 106 11.15 21.36 5.12
C GLN B 106 10.53 20.24 4.29
N ASN B 107 9.73 20.59 3.30
CA ASN B 107 9.32 19.62 2.30
C ASN B 107 10.49 19.47 1.34
N TRP B 108 11.35 18.50 1.62
CA TRP B 108 12.62 18.39 0.90
C TRP B 108 12.40 18.07 -0.57
N GLY B 109 11.32 17.37 -0.87
CA GLY B 109 11.02 16.96 -2.24
C GLY B 109 10.70 18.11 -3.16
N ASN B 110 10.43 19.29 -2.59
CA ASN B 110 10.13 20.46 -3.40
C ASN B 110 11.34 21.36 -3.68
N SER B 111 12.53 20.82 -3.43
CA SER B 111 13.76 21.53 -3.78
C SER B 111 14.67 20.57 -4.51
N PRO B 112 15.05 20.89 -5.77
CA PRO B 112 14.69 22.11 -6.50
C PRO B 112 13.20 22.17 -6.87
N LYS B 113 12.72 23.39 -7.10
CA LYS B 113 11.32 23.63 -7.39
C LYS B 113 10.80 22.77 -8.54
N LEU B 114 9.62 22.19 -8.34
CA LEU B 114 8.94 21.39 -9.35
C LEU B 114 8.47 22.27 -10.49
N ARG B 115 8.17 21.65 -11.63
CA ARG B 115 7.59 22.36 -12.76
C ARG B 115 6.30 21.67 -13.21
N PHE B 116 5.21 22.44 -13.24
CA PHE B 116 3.90 21.93 -13.64
C PHE B 116 3.41 22.64 -14.88
N THR B 117 2.81 21.86 -15.78
CA THR B 117 2.12 22.42 -16.94
C THR B 117 0.83 21.63 -17.15
N ARG B 118 -0.30 22.33 -17.17
CA ARG B 118 -1.60 21.70 -17.30
C ARG B 118 -2.26 22.06 -18.63
N PHE B 119 -2.93 21.08 -19.22
CA PHE B 119 -3.63 21.27 -20.47
C PHE B 119 -5.08 20.88 -20.25
N ILE B 120 -5.96 21.88 -20.31
CA ILE B 120 -7.39 21.67 -20.05
C ILE B 120 -8.15 21.71 -21.36
N THR B 121 -8.93 20.66 -21.64
CA THR B 121 -9.65 20.57 -22.92
C THR B 121 -11.07 20.03 -22.72
N ASN B 122 -11.86 20.00 -23.80
CA ASN B 122 -13.17 19.37 -23.79
C ASN B 122 -14.12 19.93 -22.74
N VAL B 123 -14.08 21.25 -22.55
CA VAL B 123 -14.92 21.89 -21.54
C VAL B 123 -16.40 21.85 -21.93
N GLN B 124 -17.23 21.37 -21.02
CA GLN B 124 -18.68 21.43 -21.18
C GLN B 124 -19.29 22.01 -19.90
N ALA B 125 -20.36 22.78 -20.05
CA ALA B 125 -20.99 23.42 -18.90
C ALA B 125 -22.51 23.38 -19.02
N ALA B 126 -23.17 23.15 -17.89
CA ALA B 126 -24.63 23.18 -17.82
C ALA B 126 -25.09 23.54 -16.42
N MET B 127 -26.08 24.41 -16.31
CA MET B 127 -26.64 24.73 -15.02
C MET B 127 -27.45 23.55 -14.49
N ASP B 128 -27.38 23.34 -13.18
CA ASP B 128 -28.25 22.36 -12.54
C ASP B 128 -29.72 22.72 -12.73
N VAL B 129 -30.57 21.70 -12.84
CA VAL B 129 -32.01 21.90 -13.06
C VAL B 129 -32.71 22.41 -11.81
N ASN B 130 -32.32 21.86 -10.65
CA ASN B 130 -33.04 22.13 -9.41
C ASN B 130 -32.36 23.19 -8.54
N ASP B 131 -31.08 23.43 -8.79
CA ASP B 131 -30.33 24.47 -8.11
C ASP B 131 -29.74 25.39 -9.17
N LYS B 132 -30.48 26.43 -9.56
CA LYS B 132 -30.03 27.34 -10.62
C LYS B 132 -28.77 28.12 -10.26
N GLU B 133 -28.20 27.83 -9.10
CA GLU B 133 -26.94 28.45 -8.72
C GLU B 133 -25.81 27.43 -8.79
N LEU B 134 -26.14 26.21 -9.17
CA LEU B 134 -25.15 25.15 -9.26
C LEU B 134 -24.77 24.91 -10.71
N LEU B 135 -23.48 25.07 -11.01
CA LEU B 135 -22.97 24.91 -12.36
C LEU B 135 -22.18 23.60 -12.49
N HIS B 136 -22.66 22.71 -13.36
CA HIS B 136 -21.90 21.51 -13.69
C HIS B 136 -20.88 21.83 -14.78
N ILE B 137 -19.62 21.48 -14.54
CA ILE B 137 -18.58 21.66 -15.55
C ILE B 137 -17.83 20.35 -15.72
N ARG B 138 -17.69 19.90 -16.97
CA ARG B 138 -16.90 18.72 -17.27
C ARG B 138 -15.70 19.19 -18.08
N SER B 139 -14.52 18.64 -17.80
CA SER B 139 -13.33 18.96 -18.58
C SER B 139 -12.30 17.85 -18.41
N ASN B 140 -11.41 17.75 -19.38
CA ASN B 140 -10.33 16.78 -19.31
C ASN B 140 -9.00 17.50 -19.08
N VAL B 141 -8.09 16.84 -18.37
CA VAL B 141 -6.79 17.43 -18.08
C VAL B 141 -5.64 16.48 -18.43
N ILE B 142 -4.63 17.03 -19.10
CA ILE B 142 -3.30 16.41 -19.13
C ILE B 142 -2.43 17.24 -18.21
N LEU B 143 -1.78 16.58 -17.25
CA LEU B 143 -0.95 17.31 -16.29
C LEU B 143 0.46 16.76 -16.37
N HIS B 144 1.41 17.64 -16.68
CA HIS B 144 2.81 17.28 -16.83
C HIS B 144 3.57 17.81 -15.63
N ARG B 145 4.28 16.92 -14.92
CA ARG B 145 5.10 17.32 -13.78
C ARG B 145 6.54 16.91 -14.04
N ALA B 146 7.45 17.88 -13.97
CA ALA B 146 8.87 17.61 -14.21
C ALA B 146 9.68 18.01 -13.00
N ARG B 147 10.65 17.18 -12.63
CA ARG B 147 11.49 17.51 -11.48
C ARG B 147 12.82 16.79 -11.56
N ARG B 148 13.83 17.37 -10.92
CA ARG B 148 15.10 16.70 -10.65
C ARG B 148 15.82 16.20 -11.88
N GLY B 149 15.77 17.04 -12.91
CA GLY B 149 16.56 16.81 -14.12
C GLY B 149 15.86 15.93 -15.12
N ASN B 150 15.52 14.71 -14.74
CA ASN B 150 14.99 13.75 -15.70
C ASN B 150 13.76 12.97 -15.24
N GLN B 151 13.08 13.45 -14.21
CA GLN B 151 11.83 12.83 -13.81
C GLN B 151 10.68 13.55 -14.50
N VAL B 152 9.87 12.79 -15.24
CA VAL B 152 8.75 13.37 -15.98
C VAL B 152 7.54 12.47 -15.76
N ASP B 153 6.46 13.04 -15.25
CA ASP B 153 5.25 12.29 -15.01
C ASP B 153 4.06 12.99 -15.64
N VAL B 154 3.31 12.23 -16.43
CA VAL B 154 2.15 12.77 -17.13
C VAL B 154 0.87 12.07 -16.71
N PHE B 155 -0.07 12.88 -16.26
CA PHE B 155 -1.36 12.40 -15.77
C PHE B 155 -2.47 12.77 -16.75
N TYR B 156 -3.48 11.91 -16.84
CA TYR B 156 -4.58 12.08 -17.78
C TYR B 156 -5.88 11.77 -17.06
N ALA B 157 -6.88 12.65 -17.14
CA ALA B 157 -8.12 12.44 -16.41
C ALA B 157 -9.27 13.26 -16.94
N ALA B 158 -10.49 12.76 -16.71
CA ALA B 158 -11.72 13.52 -16.93
C ALA B 158 -12.20 14.00 -15.57
N ARG B 159 -12.68 15.24 -15.50
CA ARG B 159 -13.12 15.82 -14.25
C ARG B 159 -14.58 16.20 -14.29
N GLU B 160 -15.35 15.67 -13.34
CA GLU B 160 -16.75 16.06 -13.19
C GLU B 160 -16.83 17.03 -12.02
N ASP B 161 -17.05 18.31 -12.32
CA ASP B 161 -17.08 19.36 -11.31
C ASP B 161 -18.47 19.92 -11.08
N LYS B 162 -18.67 20.43 -9.88
CA LYS B 162 -19.76 21.36 -9.61
C LYS B 162 -19.14 22.64 -9.06
N TRP B 163 -19.56 23.78 -9.60
CA TRP B 163 -19.09 25.08 -9.16
C TRP B 163 -20.27 25.93 -8.73
N LYS B 164 -20.07 26.75 -7.71
CA LYS B 164 -21.15 27.58 -7.20
C LYS B 164 -20.63 28.95 -6.80
N ARG B 165 -21.45 29.98 -6.96
CA ARG B 165 -21.06 31.33 -6.54
C ARG B 165 -20.91 31.45 -5.02
N GLY B 166 -19.75 31.94 -4.58
CA GLY B 166 -19.47 32.08 -3.16
C GLY B 166 -19.23 33.52 -2.75
N GLU B 167 -18.24 33.72 -1.88
CA GLU B 167 -17.91 35.04 -1.36
C GLU B 167 -17.58 36.00 -2.50
N GLY B 168 -18.27 37.14 -2.53
CA GLY B 168 -18.02 38.16 -3.54
C GLY B 168 -18.59 37.80 -4.90
N GLY B 169 -19.39 36.75 -4.95
CA GLY B 169 -20.00 36.33 -6.21
C GLY B 169 -19.07 35.51 -7.09
N VAL B 170 -17.92 35.15 -6.55
CA VAL B 170 -16.93 34.37 -7.29
C VAL B 170 -17.33 32.90 -7.34
N ARG B 171 -17.40 32.33 -8.55
CA ARG B 171 -17.70 30.91 -8.71
C ARG B 171 -16.56 30.07 -8.17
N LYS B 172 -16.87 29.13 -7.29
CA LYS B 172 -15.84 28.28 -6.70
C LYS B 172 -16.22 26.82 -6.78
N LEU B 173 -15.20 25.98 -6.76
CA LEU B 173 -15.36 24.53 -6.85
C LEU B 173 -16.00 24.00 -5.57
N VAL B 174 -17.15 23.34 -5.70
CA VAL B 174 -17.79 22.70 -4.55
C VAL B 174 -17.73 21.17 -4.63
N GLN B 175 -17.47 20.64 -5.82
CA GLN B 175 -17.19 19.22 -5.95
C GLN B 175 -16.35 18.96 -7.18
N ARG B 176 -15.30 18.16 -7.01
CA ARG B 176 -14.60 17.59 -8.15
C ARG B 176 -14.57 16.08 -7.97
N PHE B 177 -14.94 15.35 -9.02
CA PHE B 177 -14.89 13.91 -9.01
C PHE B 177 -14.08 13.44 -10.19
N VAL B 178 -13.05 12.65 -9.91
CA VAL B 178 -12.24 12.02 -10.94
C VAL B 178 -12.21 10.52 -10.68
N ASP B 179 -12.49 9.73 -11.71
CA ASP B 179 -12.33 8.29 -11.66
C ASP B 179 -11.05 8.01 -12.44
N TYR B 180 -9.92 7.84 -11.74
CA TYR B 180 -8.63 7.85 -12.42
C TYR B 180 -8.50 6.67 -13.38
N PRO B 181 -8.11 6.94 -14.64
CA PRO B 181 -8.26 5.86 -15.64
C PRO B 181 -7.21 4.75 -15.58
N GLU B 182 -6.04 5.03 -14.99
CA GLU B 182 -5.00 4.01 -14.87
C GLU B 182 -5.07 3.38 -13.49
N ARG B 183 -5.21 2.05 -13.46
CA ARG B 183 -5.35 1.36 -12.18
C ARG B 183 -4.05 1.35 -11.37
N ILE B 184 -2.94 1.02 -12.02
CA ILE B 184 -1.64 1.04 -11.35
C ILE B 184 -0.88 2.28 -11.82
N LEU B 185 -0.59 3.18 -10.90
CA LEU B 185 0.08 4.43 -11.27
C LEU B 185 1.53 4.18 -11.68
N GLN B 186 1.95 4.85 -12.75
CA GLN B 186 3.32 4.73 -13.24
C GLN B 186 4.01 6.10 -13.18
N THR B 187 3.61 6.88 -12.18
CA THR B 187 4.06 8.27 -12.03
C THR B 187 4.68 8.53 -10.66
N HIS B 188 5.16 7.47 -9.98
CA HIS B 188 5.74 7.54 -8.63
C HIS B 188 4.72 7.80 -7.51
N ASN B 189 3.75 8.66 -7.80
CA ASN B 189 2.66 8.94 -6.85
C ASN B 189 1.56 9.72 -7.59
N LEU B 190 0.47 10.06 -6.90
CA LEU B 190 -0.55 10.94 -7.50
C LEU B 190 -0.62 12.25 -6.75
N MET B 191 0.54 12.75 -6.33
CA MET B 191 0.64 13.96 -5.52
C MET B 191 0.53 15.23 -6.34
N VAL B 192 -0.51 15.31 -7.17
CA VAL B 192 -0.79 16.50 -7.96
C VAL B 192 -2.27 16.79 -7.82
N PHE B 193 -2.64 18.06 -7.90
CA PHE B 193 -4.05 18.44 -7.90
C PHE B 193 -4.58 18.38 -9.32
N LEU B 194 -5.32 17.32 -9.61
CA LEU B 194 -6.01 17.20 -10.88
C LEU B 194 -7.16 18.17 -10.93
#